data_4NGR
#
_entry.id   4NGR
#
_cell.length_a   101.104
_cell.length_b   130.048
_cell.length_c   158.454
_cell.angle_alpha   90.000
_cell.angle_beta   90.000
_cell.angle_gamma   90.000
#
_symmetry.space_group_name_H-M   'I 2 2 2'
#
loop_
_entity.id
_entity.type
_entity.pdbx_description
1 polymer 'Glutamate carboxypeptidase 2'
2 branched 2-acetamido-2-deoxy-beta-D-glucopyranose-(1-4)-2-acetamido-2-deoxy-beta-D-glucopyranose
3 branched alpha-D-mannopyranose-(1-3)-beta-D-mannopyranose-(1-4)-2-acetamido-2-deoxy-beta-D-glucopyranose-(1-4)-2-acetamido-2-deoxy-beta-D-glucopyranose
4 non-polymer 2-acetamido-2-deoxy-beta-D-glucopyranose
5 non-polymer 'N-{[(1S)-5-({2-[2-(acetylamino)ethoxy]-4-bromobenzoyl}amino)-1-carboxypentyl]carbamoyl}-L-glutamic acid'
6 non-polymer 'ZINC ION'
7 non-polymer 'CHLORIDE ION'
8 non-polymer 'CALCIUM ION'
9 water water
#
_entity_poly.entity_id   1
_entity_poly.type   'polypeptide(L)'
_entity_poly.pdbx_seq_one_letter_code
;RSGLNDIFEAQKIEWHEGSGSGSENLYFQGRSKSSNEATNITPKHNMKAFLDELKAENIKKFLYNFTQIPHLAGTEQNFQ
LAKQIQSQWKEFGLDSVELAHYDVLLSYPNKTHPNYISIINEDGNEIFNTSLFEPPPPGYENVSDIVPPFSAFSPQGMPE
GDLVYVNYARTEDFFKLERDMKINCSGKIVIARYGKVFRGNKVKNAQLAGAKGVILYSDPADYFAPGVKSYPDGWNLPGG
GVQRGNILNLNGAGDPLTPGYPANEYAYRRGIAEAVGLPSIPVHPIGYYDAQKLLEKMGGSAPPDSSWRGSLKVPYNVGP
GFTGNFSTQKVKMHIHSTNEVTRIYNVIGTLRGAVEPDRYVILGGHRDSWVFGGIDPQSGAAVVHEIVRSFGTLKKEGWR
PRRTILFASWDAEEFGLLGSTEWAEENSRLLQERGVAYINADSSIEGNYTLRVDCTPLMYSLVHNLTKELKSPDEGFEGK
SLYESWTKKSPSPEFSGMPRISKLGSGNDFEVFFQRLGIASGRARYTKNWETNKFSGYPLYHSVYETYELVEKFYDPMFK
YHLTVAQVRGGMVFELANSIVLPFDCRDYAVVLRKYADKIYSISMKHPQEMKTYSVSFDSLFSAVKNFTEIASKFSERLQ
DFDKSNPIVLRMMNDQLMFLERAFIDPLGLPDRPFYRHVIYAPSSHNKYAGESFPGIYDALFDIESKVDPSKAWGEVKRQ
IYVAAFTVQAAAETLSEVA
;
_entity_poly.pdbx_strand_id   A
#
loop_
_chem_comp.id
_chem_comp.type
_chem_comp.name
_chem_comp.formula
BMA D-saccharide, beta linking beta-D-mannopyranose 'C6 H12 O6'
CA non-polymer 'CALCIUM ION' 'Ca 2'
CL non-polymer 'CHLORIDE ION' 'Cl -1'
J21 non-polymer 'N-{[(1S)-5-({2-[2-(acetylamino)ethoxy]-4-bromobenzoyl}amino)-1-carboxypentyl]carbamoyl}-L-glutamic acid' 'C23 H31 Br N4 O10'
MAN D-saccharide, alpha linking alpha-D-mannopyranose 'C6 H12 O6'
NAG D-saccharide, beta linking 2-acetamido-2-deoxy-beta-D-glucopyranose 'C8 H15 N O6'
ZN non-polymer 'ZINC ION' 'Zn 2'
#
# COMPACT_ATOMS: atom_id res chain seq x y z
N LYS A 44 -34.08 -15.76 -6.63
CA LYS A 44 -32.87 -16.40 -6.00
C LYS A 44 -32.01 -15.35 -5.30
N HIS A 45 -31.51 -15.73 -4.13
CA HIS A 45 -30.49 -14.99 -3.45
C HIS A 45 -29.15 -15.63 -3.75
N ASN A 46 -28.49 -15.14 -4.79
CA ASN A 46 -27.24 -15.70 -5.23
C ASN A 46 -26.32 -14.53 -5.55
N MET A 47 -25.18 -14.81 -6.18
CA MET A 47 -24.25 -13.75 -6.46
C MET A 47 -24.85 -12.71 -7.44
N LYS A 48 -25.51 -13.19 -8.50
CA LYS A 48 -26.14 -12.30 -9.47
C LYS A 48 -27.08 -11.29 -8.77
N ALA A 49 -27.86 -11.74 -7.81
CA ALA A 49 -28.72 -10.86 -7.10
C ALA A 49 -27.93 -9.80 -6.37
N PHE A 50 -26.82 -10.23 -5.74
CA PHE A 50 -25.99 -9.27 -5.03
C PHE A 50 -25.45 -8.22 -6.01
N LEU A 51 -24.86 -8.71 -7.11
CA LEU A 51 -24.18 -7.94 -8.08
C LEU A 51 -25.16 -6.93 -8.76
N ASP A 52 -26.37 -7.37 -9.07
CA ASP A 52 -27.36 -6.52 -9.80
C ASP A 52 -27.87 -5.41 -8.92
N GLU A 53 -27.90 -5.57 -7.60
CA GLU A 53 -28.36 -4.53 -6.73
C GLU A 53 -27.40 -3.32 -6.64
N LEU A 54 -26.10 -3.58 -6.88
CA LEU A 54 -25.08 -2.51 -6.91
C LEU A 54 -25.46 -1.49 -8.06
N LYS A 55 -25.41 -0.19 -7.78
CA LYS A 55 -25.72 0.87 -8.75
C LYS A 55 -24.63 1.93 -8.84
N ALA A 56 -24.22 2.25 -10.06
CA ALA A 56 -23.27 3.32 -10.34
C ALA A 56 -23.73 4.62 -9.74
N GLU A 57 -25.03 4.87 -9.81
CA GLU A 57 -25.57 6.14 -9.32
C GLU A 57 -25.42 6.26 -7.82
N ASN A 58 -25.55 5.14 -7.14
CA ASN A 58 -25.32 5.12 -5.69
C ASN A 58 -23.90 5.44 -5.29
N ILE A 59 -22.96 4.87 -6.01
CA ILE A 59 -21.55 5.12 -5.66
C ILE A 59 -21.27 6.63 -5.86
N LYS A 60 -21.80 7.19 -6.96
CA LYS A 60 -21.64 8.64 -7.25
C LYS A 60 -22.16 9.50 -6.13
N LYS A 61 -23.41 9.24 -5.69
CA LYS A 61 -23.98 9.98 -4.53
C LYS A 61 -23.11 9.91 -3.27
N PHE A 62 -22.62 8.71 -2.98
CA PHE A 62 -21.75 8.54 -1.81
C PHE A 62 -20.43 9.25 -1.99
N LEU A 63 -19.81 9.16 -3.14
CA LEU A 63 -18.53 9.83 -3.35
C LEU A 63 -18.68 11.33 -3.09
N TYR A 64 -19.74 11.89 -3.67
CA TYR A 64 -20.06 13.31 -3.46
C TYR A 64 -20.23 13.63 -1.97
N ASN A 65 -21.00 12.84 -1.28
CA ASN A 65 -21.21 12.99 0.17
C ASN A 65 -19.94 12.95 1.04
N PHE A 66 -18.94 12.16 0.59
CA PHE A 66 -17.75 11.88 1.40
C PHE A 66 -16.62 12.84 1.09
N THR A 67 -16.81 13.76 0.12
CA THR A 67 -15.74 14.55 -0.36
C THR A 67 -15.96 16.08 -0.33
N GLN A 68 -16.98 16.56 0.36
CA GLN A 68 -17.24 18.04 0.42
C GLN A 68 -16.37 18.78 1.41
N ILE A 69 -15.91 18.09 2.46
CA ILE A 69 -14.97 18.70 3.40
C ILE A 69 -13.81 17.74 3.69
N PRO A 70 -12.71 18.26 4.20
CA PRO A 70 -11.56 17.36 4.48
C PRO A 70 -11.88 16.43 5.65
N HIS A 71 -11.32 15.21 5.62
CA HIS A 71 -11.48 14.27 6.69
C HIS A 71 -10.15 13.73 7.22
N LEU A 72 -9.27 14.62 7.64
CA LEU A 72 -7.97 14.33 8.12
C LEU A 72 -8.07 13.50 9.38
N ALA A 73 -7.23 12.44 9.48
CA ALA A 73 -7.30 11.61 10.68
C ALA A 73 -7.09 12.49 11.89
N GLY A 74 -7.83 12.16 12.93
CA GLY A 74 -7.72 12.76 14.22
C GLY A 74 -8.50 14.08 14.35
N THR A 75 -9.20 14.48 13.30
CA THR A 75 -9.96 15.73 13.35
C THR A 75 -11.43 15.44 13.58
N GLU A 76 -12.15 16.47 14.09
CA GLU A 76 -13.57 16.31 14.36
C GLU A 76 -14.40 15.91 13.15
N GLN A 77 -14.05 16.45 11.99
CA GLN A 77 -14.79 16.12 10.82
C GLN A 77 -14.71 14.64 10.48
N ASN A 78 -13.55 14.02 10.77
CA ASN A 78 -13.44 12.58 10.42
C ASN A 78 -14.18 11.69 11.41
N PHE A 79 -14.23 12.10 12.66
CA PHE A 79 -15.13 11.54 13.70
C PHE A 79 -16.57 11.63 13.31
N GLN A 80 -17.00 12.82 12.80
CA GLN A 80 -18.39 12.92 12.32
C GLN A 80 -18.71 12.02 11.18
N LEU A 81 -17.80 11.85 10.24
CA LEU A 81 -18.08 10.97 9.15
C LEU A 81 -18.15 9.51 9.65
N ALA A 82 -17.23 9.14 10.57
CA ALA A 82 -17.32 7.79 11.18
C ALA A 82 -18.71 7.53 11.76
N LYS A 83 -19.22 8.51 12.47
CA LYS A 83 -20.56 8.37 13.10
C LYS A 83 -21.66 8.24 12.08
N GLN A 84 -21.54 8.99 10.97
CA GLN A 84 -22.45 8.80 9.84
C GLN A 84 -22.33 7.42 9.22
N ILE A 85 -21.11 6.97 8.96
CA ILE A 85 -20.97 5.68 8.34
C ILE A 85 -21.58 4.60 9.28
N GLN A 86 -21.31 4.74 10.55
CA GLN A 86 -21.84 3.78 11.49
C GLN A 86 -23.40 3.76 11.44
N SER A 87 -24.03 4.93 11.50
CA SER A 87 -25.48 5.03 11.40
CA SER A 87 -25.49 5.04 11.38
C SER A 87 -26.05 4.42 10.13
N GLN A 88 -25.43 4.67 8.99
CA GLN A 88 -25.95 4.15 7.76
C GLN A 88 -25.76 2.68 7.56
N TRP A 89 -24.58 2.16 7.89
CA TRP A 89 -24.44 0.70 7.89
C TRP A 89 -25.48 -0.05 8.76
N LYS A 90 -25.79 0.48 9.91
CA LYS A 90 -26.92 0.02 10.74
C LYS A 90 -28.22 0.07 9.96
N GLU A 91 -28.53 1.22 9.38
CA GLU A 91 -29.76 1.35 8.58
C GLU A 91 -29.72 0.42 7.39
N PHE A 92 -28.52 0.16 6.83
CA PHE A 92 -28.42 -0.68 5.66
C PHE A 92 -28.69 -2.15 6.01
N GLY A 93 -28.72 -2.48 7.29
CA GLY A 93 -29.08 -3.86 7.69
C GLY A 93 -28.05 -4.70 8.47
N LEU A 94 -26.83 -4.21 8.69
CA LEU A 94 -25.79 -5.07 9.30
C LEU A 94 -26.27 -5.46 10.68
N ASP A 95 -25.82 -6.60 11.20
CA ASP A 95 -26.21 -6.96 12.57
C ASP A 95 -25.68 -6.15 13.64
N SER A 96 -24.42 -5.68 13.57
CA SER A 96 -23.93 -4.74 14.52
C SER A 96 -22.91 -3.83 13.83
N VAL A 97 -22.76 -2.65 14.36
CA VAL A 97 -21.88 -1.70 13.80
C VAL A 97 -21.34 -0.87 14.95
N GLU A 98 -20.03 -1.01 15.20
CA GLU A 98 -19.39 -0.38 16.35
C GLU A 98 -18.22 0.49 15.94
N LEU A 99 -17.87 1.46 16.76
CA LEU A 99 -16.67 2.19 16.56
C LEU A 99 -15.59 1.55 17.45
N ALA A 100 -14.41 1.37 16.94
CA ALA A 100 -13.28 0.95 17.73
C ALA A 100 -12.24 2.07 17.67
N HIS A 101 -11.89 2.62 18.80
CA HIS A 101 -10.99 3.77 18.86
C HIS A 101 -9.72 3.44 19.53
N TYR A 102 -8.66 4.19 19.20
CA TYR A 102 -7.30 4.02 19.69
C TYR A 102 -6.70 5.40 19.81
N ASP A 103 -5.69 5.55 20.65
CA ASP A 103 -4.96 6.80 20.82
C ASP A 103 -3.54 6.61 20.34
N VAL A 104 -3.29 7.15 19.16
CA VAL A 104 -2.07 6.88 18.42
C VAL A 104 -1.28 8.16 18.11
N LEU A 105 0.04 8.00 17.86
CA LEU A 105 0.86 9.12 17.45
C LEU A 105 0.49 9.61 16.06
N LEU A 106 0.04 10.86 15.98
CA LEU A 106 -0.18 11.57 14.71
C LEU A 106 0.75 12.81 14.64
N SER A 107 0.67 13.54 13.54
CA SER A 107 1.59 14.65 13.24
C SER A 107 0.82 15.69 12.48
N TYR A 108 1.05 16.96 12.84
CA TYR A 108 0.31 18.05 12.22
C TYR A 108 1.20 19.29 12.22
N PRO A 109 1.07 20.10 11.18
CA PRO A 109 1.82 21.38 11.18
C PRO A 109 1.31 22.30 12.29
N ASN A 110 2.14 23.24 12.68
CA ASN A 110 1.70 24.27 13.62
C ASN A 110 0.95 25.38 12.80
N LYS A 111 -0.32 25.51 13.08
CA LYS A 111 -1.17 26.55 12.48
C LYS A 111 -0.64 27.98 12.61
N THR A 112 0.10 28.29 13.64
CA THR A 112 0.60 29.66 13.78
C THR A 112 2.09 29.79 13.52
N HIS A 113 2.73 28.73 13.08
CA HIS A 113 4.12 28.78 12.83
C HIS A 113 4.41 27.95 11.56
N PRO A 114 4.11 28.48 10.37
CA PRO A 114 4.12 27.58 9.19
C PRO A 114 5.44 27.08 8.72
N ASN A 115 5.40 25.96 7.99
CA ASN A 115 6.62 25.31 7.55
C ASN A 115 6.92 25.89 6.19
N TYR A 116 8.18 26.10 5.92
CA TYR A 116 8.57 26.59 4.57
C TYR A 116 10.06 26.45 4.45
N ILE A 117 10.54 26.63 3.22
CA ILE A 117 11.94 26.49 2.88
C ILE A 117 12.36 27.85 2.19
N SER A 118 13.56 28.29 2.47
CA SER A 118 14.17 29.53 1.94
C SER A 118 15.49 29.29 1.24
N ILE A 119 15.75 30.10 0.19
CA ILE A 119 17.15 30.34 -0.18
C ILE A 119 17.58 31.52 0.70
N ILE A 120 18.76 31.42 1.25
CA ILE A 120 19.15 32.41 2.22
C ILE A 120 20.49 32.97 1.73
N ASN A 121 20.67 34.30 1.77
CA ASN A 121 21.99 34.87 1.34
C ASN A 121 23.05 34.96 2.45
N GLU A 122 24.29 35.30 2.05
CA GLU A 122 25.41 35.52 3.01
C GLU A 122 25.08 36.32 4.29
N ASP A 123 24.16 37.28 4.19
CA ASP A 123 23.64 38.03 5.35
C ASP A 123 22.60 37.29 6.17
N GLY A 124 21.89 36.35 5.57
CA GLY A 124 20.80 35.71 6.26
C GLY A 124 19.48 36.34 5.86
N ASN A 125 19.44 37.01 4.73
CA ASN A 125 18.17 37.40 4.21
C ASN A 125 17.59 36.26 3.39
N GLU A 126 16.32 35.99 3.64
CA GLU A 126 15.56 34.98 2.90
C GLU A 126 15.10 35.59 1.62
N ILE A 127 15.81 35.28 0.57
CA ILE A 127 15.50 35.90 -0.72
C ILE A 127 14.49 35.15 -1.53
N PHE A 128 14.12 33.95 -1.08
CA PHE A 128 13.10 33.20 -1.76
C PHE A 128 12.43 32.24 -0.77
N ASN A 129 11.11 32.20 -0.76
CA ASN A 129 10.35 31.37 0.14
C ASN A 129 9.42 30.48 -0.63
N THR A 130 9.37 29.17 -0.28
CA THR A 130 8.38 28.26 -0.91
C THR A 130 7.01 28.63 -0.36
N SER A 131 5.96 28.17 -1.04
CA SER A 131 4.60 28.52 -0.72
C SER A 131 4.11 27.93 0.59
N LEU A 132 3.15 28.60 1.19
CA LEU A 132 2.67 28.15 2.49
C LEU A 132 1.41 27.29 2.33
N PHE A 133 0.82 27.23 1.14
CA PHE A 133 -0.42 26.48 0.94
C PHE A 133 -0.53 26.25 -0.52
N GLU A 134 -1.28 25.23 -0.94
CA GLU A 134 -1.63 25.03 -2.35
C GLU A 134 -2.79 25.96 -2.66
N PRO A 135 -2.75 26.62 -3.84
CA PRO A 135 -3.92 27.40 -4.27
C PRO A 135 -5.16 26.51 -4.31
N PRO A 136 -6.24 26.89 -3.62
CA PRO A 136 -7.26 25.89 -3.56
C PRO A 136 -8.08 25.87 -4.81
N PRO A 137 -8.69 24.70 -5.11
CA PRO A 137 -9.41 24.58 -6.33
C PRO A 137 -10.70 25.42 -6.38
N PRO A 138 -11.22 25.63 -7.63
CA PRO A 138 -12.40 26.47 -7.83
C PRO A 138 -13.56 26.07 -6.96
N GLY A 139 -14.10 27.00 -6.19
CA GLY A 139 -15.25 26.67 -5.38
C GLY A 139 -14.98 26.16 -3.95
N TYR A 140 -13.72 25.91 -3.63
CA TYR A 140 -13.25 25.40 -2.32
C TYR A 140 -12.29 26.40 -1.73
N GLU A 141 -12.19 27.58 -2.35
CA GLU A 141 -11.28 28.58 -1.83
C GLU A 141 -11.74 29.12 -0.43
N ASN A 142 -12.96 28.81 0.02
CA ASN A 142 -13.38 29.16 1.38
C ASN A 142 -13.49 27.95 2.32
N VAL A 143 -13.02 26.79 1.91
CA VAL A 143 -13.04 25.67 2.81
C VAL A 143 -11.93 25.88 3.84
N SER A 144 -12.30 25.75 5.11
CA SER A 144 -11.29 25.79 6.15
C SER A 144 -10.77 24.38 6.52
N ASP A 145 -9.67 24.42 7.24
CA ASP A 145 -9.11 23.24 7.75
C ASP A 145 -8.50 22.40 6.63
N ILE A 146 -8.13 23.00 5.51
CA ILE A 146 -7.30 22.30 4.56
C ILE A 146 -5.91 22.25 5.12
N VAL A 147 -5.39 21.07 5.45
CA VAL A 147 -4.02 21.02 6.02
C VAL A 147 -3.05 21.39 4.91
N PRO A 148 -2.13 22.36 5.16
CA PRO A 148 -1.12 22.70 4.17
C PRO A 148 -0.18 21.55 3.93
N PRO A 149 0.50 21.59 2.79
CA PRO A 149 1.43 20.48 2.54
C PRO A 149 2.51 20.35 3.60
N PHE A 150 2.74 19.11 4.02
CA PHE A 150 3.78 18.78 4.97
C PHE A 150 4.09 17.27 4.89
N SER A 151 5.23 16.92 5.44
CA SER A 151 5.66 15.53 5.55
C SER A 151 5.37 15.07 7.00
N ALA A 152 4.32 14.25 7.15
CA ALA A 152 3.90 13.83 8.49
C ALA A 152 5.01 13.06 9.20
N PHE A 153 5.25 13.43 10.44
CA PHE A 153 6.23 12.87 11.37
C PHE A 153 7.62 13.43 11.27
N SER A 154 7.80 14.41 10.42
CA SER A 154 9.08 15.13 10.40
C SER A 154 9.38 15.69 11.76
N PRO A 155 10.63 15.58 12.22
CA PRO A 155 11.03 16.34 13.38
C PRO A 155 11.14 17.85 13.05
N GLN A 156 11.14 18.65 14.08
CA GLN A 156 11.31 20.12 13.97
C GLN A 156 12.76 20.44 13.73
N GLY A 157 13.03 21.56 13.07
CA GLY A 157 14.39 21.98 12.87
C GLY A 157 14.41 23.14 11.89
N MET A 158 15.56 23.79 11.84
CA MET A 158 15.80 24.84 10.87
C MET A 158 17.20 24.68 10.33
N PRO A 159 17.56 23.48 9.83
CA PRO A 159 18.86 23.33 9.22
C PRO A 159 19.09 24.16 7.94
N GLU A 160 20.36 24.48 7.73
CA GLU A 160 20.77 25.38 6.66
C GLU A 160 22.01 24.80 6.05
N GLY A 161 22.10 24.76 4.74
CA GLY A 161 23.25 24.10 4.11
C GLY A 161 23.22 24.14 2.61
N ASP A 162 24.12 23.40 1.99
CA ASP A 162 24.16 23.29 0.55
C ASP A 162 23.34 22.09 0.13
N LEU A 163 22.71 22.23 -1.02
CA LEU A 163 21.89 21.19 -1.60
C LEU A 163 22.69 20.17 -2.36
N VAL A 164 22.25 18.90 -2.25
CA VAL A 164 22.63 17.88 -3.21
C VAL A 164 21.34 17.29 -3.81
N TYR A 165 21.35 17.11 -5.12
CA TYR A 165 20.23 16.60 -5.82
C TYR A 165 20.48 15.10 -6.05
N VAL A 166 19.54 14.26 -5.59
CA VAL A 166 19.76 12.81 -5.45
C VAL A 166 18.80 12.01 -6.29
N ASN A 167 18.24 12.63 -7.33
CA ASN A 167 17.31 11.96 -8.21
C ASN A 167 16.10 11.47 -7.38
N TYR A 168 15.76 10.17 -7.47
CA TYR A 168 14.60 9.61 -6.69
C TYR A 168 14.93 9.15 -5.27
N ALA A 169 16.17 9.36 -4.85
CA ALA A 169 16.66 8.99 -3.56
C ALA A 169 16.56 7.46 -3.30
N ARG A 170 16.58 6.69 -4.38
CA ARG A 170 16.64 5.25 -4.32
C ARG A 170 18.01 4.79 -3.83
N THR A 171 18.04 3.56 -3.30
CA THR A 171 19.25 2.92 -2.93
C THR A 171 20.38 3.08 -4.04
N GLU A 172 20.01 2.81 -5.26
CA GLU A 172 20.93 2.84 -6.38
C GLU A 172 21.34 4.28 -6.77
N ASP A 173 20.45 5.23 -6.51
CA ASP A 173 20.82 6.65 -6.68
C ASP A 173 21.92 7.02 -5.72
N PHE A 174 21.83 6.58 -4.49
CA PHE A 174 22.86 6.89 -3.55
C PHE A 174 24.16 6.12 -3.77
N PHE A 175 24.06 4.88 -4.23
CA PHE A 175 25.23 4.11 -4.62
C PHE A 175 26.01 4.90 -5.74
N LYS A 176 25.29 5.33 -6.75
CA LYS A 176 25.86 6.05 -7.88
C LYS A 176 26.60 7.30 -7.42
N LEU A 177 25.91 8.07 -6.59
CA LEU A 177 26.43 9.28 -6.02
C LEU A 177 27.66 9.07 -5.19
N GLU A 178 27.60 8.16 -4.22
CA GLU A 178 28.73 7.88 -3.31
C GLU A 178 29.82 7.04 -3.90
N ARG A 179 29.43 5.97 -4.58
CA ARG A 179 30.43 4.99 -5.05
C ARG A 179 31.05 5.49 -6.32
N ASP A 180 30.24 5.85 -7.31
CA ASP A 180 30.75 6.24 -8.60
C ASP A 180 31.14 7.71 -8.70
N MET A 181 30.29 8.63 -8.26
CA MET A 181 30.59 10.04 -8.44
C MET A 181 31.38 10.60 -7.29
N LYS A 182 31.55 9.85 -6.23
CA LYS A 182 32.23 10.33 -5.06
C LYS A 182 31.70 11.61 -4.45
N ILE A 183 30.39 11.81 -4.48
CA ILE A 183 29.79 12.93 -3.75
C ILE A 183 29.35 12.53 -2.35
N ASN A 184 29.60 13.36 -1.37
CA ASN A 184 29.36 13.03 -0.02
C ASN A 184 28.21 13.88 0.49
N CYS A 185 27.13 13.21 0.96
CA CYS A 185 25.92 13.89 1.36
C CYS A 185 25.96 14.27 2.78
N SER A 186 26.99 13.86 3.47
CA SER A 186 27.05 14.15 4.87
C SER A 186 26.96 15.66 5.18
N GLY A 187 26.14 16.07 6.16
CA GLY A 187 25.87 17.50 6.41
C GLY A 187 25.17 18.32 5.30
N LYS A 188 24.79 17.70 4.19
CA LYS A 188 24.08 18.41 3.12
C LYS A 188 22.55 18.33 3.32
N ILE A 189 21.82 19.25 2.68
CA ILE A 189 20.37 19.12 2.52
C ILE A 189 20.12 18.44 1.21
N VAL A 190 19.41 17.30 1.20
CA VAL A 190 19.18 16.65 -0.08
C VAL A 190 17.83 17.04 -0.67
N ILE A 191 17.78 17.18 -1.97
CA ILE A 191 16.53 17.35 -2.69
C ILE A 191 16.36 16.20 -3.66
N ALA A 192 15.16 15.63 -3.61
CA ALA A 192 14.78 14.47 -4.29
C ALA A 192 13.42 14.64 -4.90
N ARG A 193 13.29 14.06 -6.07
CA ARG A 193 12.01 13.97 -6.71
C ARG A 193 11.25 12.77 -6.25
N TYR A 194 9.97 12.99 -6.03
CA TYR A 194 9.06 11.97 -5.70
C TYR A 194 8.97 10.98 -6.88
N GLY A 195 8.55 9.74 -6.60
CA GLY A 195 8.29 8.72 -7.62
C GLY A 195 9.15 7.50 -7.39
N LYS A 196 8.79 6.42 -8.06
CA LYS A 196 9.56 5.12 -8.10
C LYS A 196 9.46 4.29 -6.83
N VAL A 197 9.70 4.92 -5.68
CA VAL A 197 9.63 4.21 -4.38
C VAL A 197 8.92 5.06 -3.35
N PHE A 198 8.45 4.37 -2.30
CA PHE A 198 7.78 5.01 -1.17
C PHE A 198 8.68 6.09 -0.58
N ARG A 199 8.09 7.23 -0.26
CA ARG A 199 8.90 8.37 0.29
C ARG A 199 9.61 8.13 1.62
N GLY A 200 9.11 7.22 2.45
CA GLY A 200 9.76 6.86 3.70
C GLY A 200 11.13 6.23 3.41
N ASN A 201 11.20 5.40 2.35
CA ASN A 201 12.46 4.79 1.95
C ASN A 201 13.48 5.81 1.48
N LYS A 202 13.04 6.81 0.72
CA LYS A 202 13.87 7.97 0.34
C LYS A 202 14.50 8.63 1.58
N VAL A 203 13.66 8.89 2.60
CA VAL A 203 14.13 9.63 3.73
C VAL A 203 15.15 8.80 4.53
N LYS A 204 14.83 7.51 4.72
CA LYS A 204 15.76 6.58 5.37
C LYS A 204 17.07 6.58 4.63
N ASN A 205 16.97 6.45 3.34
CA ASN A 205 18.20 6.41 2.53
C ASN A 205 19.03 7.71 2.68
N ALA A 206 18.37 8.87 2.63
CA ALA A 206 19.05 10.19 2.84
C ALA A 206 19.73 10.24 4.21
N GLN A 207 18.99 9.80 5.21
CA GLN A 207 19.45 9.86 6.54
C GLN A 207 20.68 8.96 6.69
N LEU A 208 20.65 7.76 6.11
CA LEU A 208 21.83 6.91 6.21
C LEU A 208 23.01 7.44 5.46
N ALA A 209 22.80 8.29 4.45
CA ALA A 209 23.91 8.97 3.76
C ALA A 209 24.41 10.21 4.49
N GLY A 210 23.86 10.52 5.65
CA GLY A 210 24.29 11.66 6.49
C GLY A 210 23.68 13.04 6.16
N ALA A 211 22.65 13.10 5.31
CA ALA A 211 21.88 14.29 5.10
C ALA A 211 21.37 14.91 6.37
N LYS A 212 21.28 16.26 6.39
CA LYS A 212 20.69 16.89 7.57
C LYS A 212 19.26 17.39 7.28
N GLY A 213 18.78 17.16 6.07
CA GLY A 213 17.41 17.43 5.71
C GLY A 213 17.02 16.96 4.34
N VAL A 214 15.73 16.79 4.12
CA VAL A 214 15.30 16.35 2.85
C VAL A 214 14.18 17.23 2.33
N ILE A 215 14.28 17.52 1.04
CA ILE A 215 13.24 18.23 0.32
C ILE A 215 12.70 17.33 -0.77
N LEU A 216 11.41 17.09 -0.74
CA LEU A 216 10.77 16.25 -1.74
C LEU A 216 10.00 17.15 -2.71
N TYR A 217 10.02 16.86 -4.00
CA TYR A 217 9.16 17.64 -4.92
C TYR A 217 8.66 16.79 -6.01
N SER A 218 7.65 17.27 -6.68
CA SER A 218 6.97 16.56 -7.72
C SER A 218 7.44 17.06 -9.10
N ASP A 219 8.15 16.22 -9.84
CA ASP A 219 8.69 16.64 -11.15
C ASP A 219 7.65 16.37 -12.19
N PRO A 220 7.46 17.34 -13.14
CA PRO A 220 6.48 17.08 -14.19
C PRO A 220 6.85 15.85 -15.05
N ALA A 221 8.12 15.44 -15.06
CA ALA A 221 8.43 14.20 -15.79
C ALA A 221 7.64 13.03 -15.21
N ASP A 222 7.39 13.07 -13.91
CA ASP A 222 6.75 11.97 -13.20
C ASP A 222 5.29 12.28 -12.87
N TYR A 223 4.87 13.54 -12.86
CA TYR A 223 3.51 13.90 -12.46
C TYR A 223 2.79 14.87 -13.42
N PHE A 224 3.26 14.97 -14.66
CA PHE A 224 2.52 15.75 -15.68
C PHE A 224 2.49 14.91 -16.99
N ALA A 225 1.34 14.32 -17.29
CA ALA A 225 1.13 13.52 -18.49
C ALA A 225 1.10 14.42 -19.74
N PRO A 226 1.90 14.07 -20.77
CA PRO A 226 1.85 14.83 -22.04
C PRO A 226 0.46 15.04 -22.66
N GLY A 227 0.17 16.29 -23.02
CA GLY A 227 -1.03 16.64 -23.74
C GLY A 227 -2.25 16.87 -22.88
N VAL A 228 -2.11 16.81 -21.55
CA VAL A 228 -3.27 16.90 -20.68
C VAL A 228 -3.11 18.18 -19.94
N LYS A 229 -4.18 18.81 -19.58
CA LYS A 229 -4.07 20.09 -18.85
C LYS A 229 -4.08 19.88 -17.30
N SER A 230 -3.52 20.86 -16.61
CA SER A 230 -3.57 21.03 -15.17
C SER A 230 -4.98 21.14 -14.66
N TYR A 231 -5.21 20.60 -13.45
CA TYR A 231 -6.39 20.85 -12.72
C TYR A 231 -6.66 22.38 -12.65
N PRO A 232 -7.89 22.82 -12.76
CA PRO A 232 -9.22 22.21 -13.00
C PRO A 232 -9.54 21.85 -14.43
N ASP A 233 -8.65 22.08 -15.36
CA ASP A 233 -9.04 21.87 -16.77
C ASP A 233 -8.66 20.50 -17.29
N GLY A 234 -7.81 19.79 -16.55
CA GLY A 234 -7.60 18.38 -16.78
C GLY A 234 -7.11 17.73 -15.51
N TRP A 235 -6.43 16.60 -15.63
CA TRP A 235 -6.08 15.78 -14.46
C TRP A 235 -4.62 15.86 -14.11
N ASN A 236 -3.88 16.81 -14.67
CA ASN A 236 -2.51 16.96 -14.32
C ASN A 236 -2.30 17.75 -13.05
N LEU A 237 -1.07 17.65 -12.51
CA LEU A 237 -0.60 18.44 -11.35
C LEU A 237 -0.12 19.85 -11.77
N PRO A 238 -0.72 20.93 -11.21
CA PRO A 238 -0.24 22.31 -11.42
C PRO A 238 1.05 22.54 -10.71
N GLY A 239 1.77 23.63 -11.04
CA GLY A 239 3.08 23.90 -10.42
C GLY A 239 3.08 24.24 -8.97
N GLY A 240 1.91 24.60 -8.48
CA GLY A 240 1.68 24.94 -7.08
C GLY A 240 1.14 23.72 -6.26
N GLY A 241 0.82 22.64 -6.94
CA GLY A 241 0.34 21.39 -6.31
C GLY A 241 1.46 20.70 -5.57
N VAL A 242 1.12 20.08 -4.45
CA VAL A 242 2.09 19.36 -3.66
C VAL A 242 1.44 18.04 -3.10
N GLN A 243 2.26 17.00 -3.03
CA GLN A 243 1.94 15.68 -2.54
C GLN A 243 2.27 15.62 -1.06
N ARG A 244 1.23 15.55 -0.26
CA ARG A 244 1.41 15.22 1.15
C ARG A 244 1.77 13.72 1.30
N GLY A 245 2.21 13.37 2.50
CA GLY A 245 2.42 11.95 2.87
C GLY A 245 3.39 11.75 4.03
N ASN A 246 3.15 10.68 4.81
CA ASN A 246 4.02 10.37 5.90
C ASN A 246 5.33 9.81 5.38
N ILE A 247 6.35 9.93 6.20
CA ILE A 247 7.71 9.56 5.88
C ILE A 247 8.30 8.59 6.92
N LEU A 248 7.44 7.79 7.49
CA LEU A 248 7.83 6.78 8.44
C LEU A 248 8.46 5.56 7.82
N ASN A 249 9.27 4.83 8.62
CA ASN A 249 9.70 3.45 8.30
C ASN A 249 9.24 2.50 9.41
N LEU A 250 7.97 2.18 9.41
CA LEU A 250 7.38 1.40 10.49
C LEU A 250 7.67 -0.08 10.36
N ASN A 251 7.88 -0.56 9.14
CA ASN A 251 8.04 -2.01 8.88
C ASN A 251 6.93 -2.88 9.50
N GLY A 252 5.71 -2.42 9.40
CA GLY A 252 4.54 -3.13 9.94
C GLY A 252 4.11 -2.84 11.38
N ALA A 253 4.78 -1.96 12.10
CA ALA A 253 4.61 -1.80 13.53
C ALA A 253 3.27 -1.21 13.95
N GLY A 254 2.63 -0.45 13.07
CA GLY A 254 1.48 0.34 13.47
C GLY A 254 1.88 1.62 14.23
N ASP A 255 1.07 1.98 15.23
CA ASP A 255 1.37 3.17 16.10
C ASP A 255 2.83 3.17 16.56
N PRO A 256 3.59 4.22 16.29
CA PRO A 256 4.94 4.21 16.65
C PRO A 256 5.22 3.92 18.11
N LEU A 257 4.27 4.20 18.95
CA LEU A 257 4.49 4.10 20.36
C LEU A 257 4.12 2.79 21.03
N THR A 258 3.37 1.94 20.35
CA THR A 258 2.82 0.72 20.97
C THR A 258 3.00 -0.56 20.12
N PRO A 259 4.20 -0.78 19.59
CA PRO A 259 4.41 -1.98 18.70
C PRO A 259 4.08 -3.26 19.41
N GLY A 260 3.18 -4.02 18.82
CA GLY A 260 2.79 -5.31 19.34
C GLY A 260 1.42 -5.38 19.95
N TYR A 261 0.90 -4.23 20.41
CA TYR A 261 -0.22 -4.21 21.33
C TYR A 261 -1.14 -3.07 20.90
N PRO A 262 -2.44 -3.19 21.12
CA PRO A 262 -3.28 -2.07 20.74
C PRO A 262 -3.12 -0.82 21.61
N ALA A 263 -3.22 0.34 20.97
CA ALA A 263 -3.11 1.63 21.66
C ALA A 263 -4.40 1.99 22.39
N ASN A 264 -4.74 1.18 23.40
CA ASN A 264 -6.03 1.29 24.03
C ASN A 264 -5.89 2.25 25.20
N GLU A 265 -6.87 2.26 26.09
CA GLU A 265 -6.86 3.27 27.13
C GLU A 265 -5.76 3.12 28.14
N TYR A 266 -5.31 1.89 28.42
CA TYR A 266 -4.34 1.69 29.47
C TYR A 266 -2.98 1.36 28.91
N ALA A 267 -2.75 1.59 27.61
CA ALA A 267 -1.50 1.18 27.00
C ALA A 267 -0.35 1.89 27.56
N TYR A 268 0.76 1.18 27.65
CA TYR A 268 2.02 1.80 28.00
C TYR A 268 2.66 2.19 26.70
N ARG A 269 3.21 3.39 26.61
CA ARG A 269 3.75 3.92 25.38
C ARG A 269 5.19 4.08 25.53
N ARG A 270 5.92 3.79 24.49
CA ARG A 270 7.34 4.23 24.47
C ARG A 270 7.46 5.77 24.51
N GLY A 271 8.60 6.24 24.98
CA GLY A 271 9.02 7.63 24.81
C GLY A 271 9.37 7.84 23.34
N ILE A 272 9.27 9.07 22.90
CA ILE A 272 9.50 9.44 21.50
C ILE A 272 10.82 8.95 21.06
N ALA A 273 11.84 9.03 21.92
CA ALA A 273 13.17 8.60 21.48
C ALA A 273 13.20 7.16 21.09
N GLU A 274 12.33 6.32 21.65
CA GLU A 274 12.36 4.85 21.37
C GLU A 274 11.21 4.46 20.40
N ALA A 275 10.47 5.45 19.90
CA ALA A 275 9.34 5.22 19.01
C ALA A 275 9.85 4.52 17.74
N VAL A 276 8.99 3.73 17.10
CA VAL A 276 9.36 3.05 15.90
C VAL A 276 9.18 3.97 14.69
N GLY A 277 10.22 4.07 13.88
CA GLY A 277 10.04 4.49 12.52
C GLY A 277 10.14 5.99 12.26
N LEU A 278 10.39 6.80 13.28
CA LEU A 278 10.44 8.25 13.05
C LEU A 278 11.75 8.67 12.39
N PRO A 279 11.68 9.63 11.49
CA PRO A 279 12.89 10.13 10.85
C PRO A 279 13.64 11.08 11.82
N SER A 280 14.93 11.17 11.63
CA SER A 280 15.73 11.98 12.55
C SER A 280 16.10 13.32 11.91
N ILE A 281 15.73 13.55 10.67
CA ILE A 281 16.05 14.83 9.98
C ILE A 281 14.80 15.46 9.42
N PRO A 282 14.71 16.81 9.45
CA PRO A 282 13.52 17.44 8.90
C PRO A 282 13.28 17.20 7.38
N VAL A 283 11.99 17.14 7.00
CA VAL A 283 11.57 16.85 5.65
C VAL A 283 10.36 17.70 5.27
N HIS A 284 10.29 18.09 4.01
CA HIS A 284 9.17 18.88 3.56
C HIS A 284 8.96 18.75 2.09
N PRO A 285 7.71 18.68 1.61
CA PRO A 285 7.40 18.54 0.20
C PRO A 285 7.01 19.88 -0.49
N ILE A 286 7.35 20.00 -1.76
CA ILE A 286 7.09 21.19 -2.56
C ILE A 286 6.69 20.82 -3.99
N GLY A 287 6.07 21.80 -4.65
CA GLY A 287 5.64 21.68 -6.00
C GLY A 287 6.74 22.11 -6.93
N TYR A 288 6.49 21.92 -8.21
CA TYR A 288 7.51 22.12 -9.22
C TYR A 288 7.82 23.60 -9.55
N TYR A 289 6.85 24.51 -9.39
CA TYR A 289 7.24 25.97 -9.35
C TYR A 289 8.32 26.29 -8.35
N ASP A 290 8.17 25.85 -7.11
CA ASP A 290 9.16 26.09 -6.09
C ASP A 290 10.43 25.29 -6.30
N ALA A 291 10.26 24.05 -6.76
CA ALA A 291 11.41 23.20 -6.98
C ALA A 291 12.33 23.82 -8.04
N GLN A 292 11.72 24.39 -9.05
CA GLN A 292 12.51 25.06 -10.11
C GLN A 292 13.41 26.16 -9.53
N LYS A 293 12.87 26.93 -8.62
CA LYS A 293 13.63 27.97 -7.97
C LYS A 293 14.78 27.43 -7.16
N LEU A 294 14.67 26.20 -6.63
CA LEU A 294 15.76 25.68 -5.77
C LEU A 294 16.82 24.99 -6.62
N LEU A 295 16.40 24.46 -7.73
CA LEU A 295 17.27 23.67 -8.56
C LEU A 295 18.03 24.55 -9.61
N GLU A 296 17.43 25.67 -9.99
CA GLU A 296 17.95 26.38 -11.18
C GLU A 296 19.40 26.89 -10.97
N LYS A 297 19.78 27.20 -9.74
CA LYS A 297 21.13 27.61 -9.43
C LYS A 297 22.12 26.52 -9.07
N MET A 298 21.74 25.26 -9.21
CA MET A 298 22.64 24.17 -8.78
C MET A 298 23.92 24.03 -9.61
N GLY A 299 25.01 23.83 -8.90
CA GLY A 299 26.34 23.71 -9.49
C GLY A 299 26.94 22.34 -9.28
N GLY A 300 28.24 22.30 -9.01
CA GLY A 300 28.98 21.05 -8.82
C GLY A 300 28.83 20.19 -10.05
N SER A 301 28.84 18.87 -9.87
CA SER A 301 28.88 17.95 -11.00
C SER A 301 27.63 17.92 -11.82
N ALA A 302 27.76 17.59 -13.09
CA ALA A 302 26.63 17.44 -13.95
C ALA A 302 25.87 16.19 -13.50
N PRO A 303 24.62 16.04 -13.93
CA PRO A 303 23.95 14.73 -13.72
C PRO A 303 24.71 13.63 -14.44
N PRO A 304 24.72 12.40 -13.90
CA PRO A 304 25.57 11.33 -14.43
C PRO A 304 25.07 10.83 -15.73
N ASP A 305 23.77 10.92 -15.96
CA ASP A 305 23.19 10.57 -17.20
C ASP A 305 21.73 11.07 -17.30
N SER A 306 21.07 10.78 -18.40
CA SER A 306 19.75 11.33 -18.66
C SER A 306 18.62 10.78 -17.74
N SER A 307 18.84 9.63 -17.06
CA SER A 307 17.79 9.07 -16.17
C SER A 307 17.68 9.89 -14.88
N TRP A 308 18.54 10.90 -14.77
CA TRP A 308 18.63 11.77 -13.63
C TRP A 308 17.99 13.14 -13.88
N ARG A 309 17.58 13.39 -15.13
CA ARG A 309 17.01 14.65 -15.58
C ARG A 309 15.53 14.53 -15.66
N GLY A 310 14.81 15.37 -14.94
CA GLY A 310 13.37 15.54 -15.15
C GLY A 310 13.07 16.46 -16.31
N SER A 311 11.94 17.16 -16.27
CA SER A 311 11.42 17.92 -17.41
C SER A 311 11.44 19.41 -17.19
N LEU A 312 11.95 19.90 -16.10
CA LEU A 312 12.00 21.33 -15.85
C LEU A 312 13.25 21.90 -16.58
N LYS A 313 13.29 23.19 -16.68
CA LYS A 313 14.28 23.82 -17.51
C LYS A 313 15.42 24.20 -16.62
N VAL A 314 16.09 23.18 -16.13
CA VAL A 314 17.22 23.36 -15.26
C VAL A 314 18.19 22.26 -15.67
N PRO A 315 19.46 22.41 -15.32
CA PRO A 315 20.43 21.38 -15.71
C PRO A 315 20.36 20.06 -14.92
N TYR A 316 19.84 20.08 -13.70
CA TYR A 316 19.80 18.88 -12.86
C TYR A 316 21.19 18.52 -12.41
N ASN A 317 21.99 19.53 -12.04
CA ASN A 317 23.28 19.27 -11.51
C ASN A 317 23.06 18.68 -10.12
N VAL A 318 24.03 17.92 -9.69
CA VAL A 318 23.98 17.17 -8.46
C VAL A 318 24.48 18.03 -7.31
N GLY A 319 25.35 19.01 -7.59
CA GLY A 319 25.88 19.82 -6.48
C GLY A 319 27.13 19.15 -6.06
N PRO A 320 27.52 19.32 -4.81
CA PRO A 320 26.83 20.08 -3.79
C PRO A 320 26.81 21.57 -4.07
N GLY A 321 25.80 22.26 -3.56
CA GLY A 321 25.74 23.72 -3.66
C GLY A 321 25.43 24.31 -5.02
N PHE A 322 25.47 25.65 -5.06
CA PHE A 322 25.07 26.42 -6.25
C PHE A 322 26.28 26.83 -7.10
N THR A 323 26.05 27.16 -8.38
CA THR A 323 27.13 27.77 -9.22
C THR A 323 27.75 29.07 -8.65
N GLY A 324 28.98 29.35 -9.11
CA GLY A 324 29.90 30.29 -8.46
C GLY A 324 29.37 31.60 -7.96
N ASN A 325 28.54 32.26 -8.76
CA ASN A 325 28.02 33.57 -8.35
C ASN A 325 27.16 33.53 -7.12
N PHE A 326 26.56 32.38 -6.86
CA PHE A 326 25.61 32.19 -5.73
C PHE A 326 26.14 31.20 -4.70
N SER A 327 27.38 30.79 -4.88
CA SER A 327 27.99 29.75 -4.12
C SER A 327 27.92 30.02 -2.66
N THR A 328 27.70 31.27 -2.28
CA THR A 328 27.61 31.59 -0.86
C THR A 328 26.15 31.73 -0.44
N GLN A 329 25.20 31.57 -1.34
CA GLN A 329 23.81 31.39 -0.88
C GLN A 329 23.60 29.94 -0.35
N LYS A 330 22.69 29.76 0.60
CA LYS A 330 22.37 28.43 1.18
C LYS A 330 20.84 28.12 1.12
N VAL A 331 20.46 26.88 1.47
CA VAL A 331 19.03 26.54 1.66
C VAL A 331 18.74 26.34 3.13
N LYS A 332 17.59 26.85 3.58
CA LYS A 332 17.21 26.77 4.94
C LYS A 332 15.80 26.25 5.04
N MET A 333 15.61 25.23 5.85
CA MET A 333 14.26 24.67 6.02
C MET A 333 13.71 25.21 7.34
N HIS A 334 12.41 25.37 7.43
CA HIS A 334 11.85 25.71 8.71
C HIS A 334 10.70 24.77 8.96
N ILE A 335 10.91 23.83 9.89
CA ILE A 335 9.86 22.85 10.18
C ILE A 335 9.51 22.88 11.64
N HIS A 336 8.22 23.05 11.91
CA HIS A 336 7.69 23.24 13.25
C HIS A 336 6.50 22.31 13.59
N SER A 337 6.28 21.28 12.74
CA SER A 337 5.25 20.29 12.96
C SER A 337 5.45 19.63 14.30
N THR A 338 4.36 19.15 14.91
CA THR A 338 4.44 18.41 16.17
C THR A 338 3.74 17.07 16.08
N ASN A 339 4.31 16.09 16.79
CA ASN A 339 3.71 14.75 16.92
C ASN A 339 2.81 14.77 18.12
N GLU A 340 1.61 14.28 18.00
CA GLU A 340 0.68 14.32 19.10
C GLU A 340 -0.14 13.06 19.16
N VAL A 341 -0.27 12.53 20.35
CA VAL A 341 -1.17 11.40 20.54
C VAL A 341 -2.62 11.83 20.41
N THR A 342 -3.34 11.23 19.48
CA THR A 342 -4.60 11.67 19.03
C THR A 342 -5.52 10.48 18.87
N ARG A 343 -6.79 10.68 19.18
CA ARG A 343 -7.74 9.57 19.04
C ARG A 343 -8.20 9.37 17.60
N ILE A 344 -8.29 8.11 17.20
CA ILE A 344 -8.79 7.72 15.86
C ILE A 344 -9.90 6.70 16.05
N TYR A 345 -10.69 6.53 15.00
CA TYR A 345 -11.92 5.74 15.01
C TYR A 345 -12.08 4.84 13.82
N ASN A 346 -12.08 3.54 14.04
CA ASN A 346 -12.47 2.63 12.96
C ASN A 346 -13.95 2.32 13.09
N VAL A 347 -14.62 2.14 11.98
CA VAL A 347 -15.96 1.59 12.01
C VAL A 347 -15.91 0.12 11.59
N ILE A 348 -16.54 -0.73 12.43
CA ILE A 348 -16.53 -2.21 12.28
C ILE A 348 -17.95 -2.71 12.23
N GLY A 349 -18.33 -3.14 11.04
CA GLY A 349 -19.64 -3.67 10.78
C GLY A 349 -19.59 -5.19 10.66
N THR A 350 -20.60 -5.84 11.25
CA THR A 350 -20.71 -7.31 11.22
C THR A 350 -21.99 -7.80 10.55
N LEU A 351 -21.83 -8.71 9.60
CA LEU A 351 -22.94 -9.45 9.05
C LEU A 351 -22.76 -10.93 9.40
N ARG A 352 -23.41 -11.37 10.48
CA ARG A 352 -23.25 -12.72 10.98
C ARG A 352 -23.54 -13.84 9.97
N GLY A 353 -22.59 -14.77 9.84
CA GLY A 353 -22.79 -15.96 9.02
C GLY A 353 -23.84 -16.93 9.57
N ALA A 354 -24.51 -17.60 8.66
CA ALA A 354 -25.63 -18.53 9.00
C ALA A 354 -25.13 -19.90 9.41
N VAL A 355 -24.04 -20.39 8.79
CA VAL A 355 -23.54 -21.76 8.98
C VAL A 355 -22.16 -21.70 9.68
N GLU A 356 -21.26 -20.80 9.27
CA GLU A 356 -19.94 -20.64 9.97
C GLU A 356 -19.66 -19.22 10.42
N PRO A 357 -20.36 -18.80 11.46
CA PRO A 357 -20.27 -17.47 11.99
C PRO A 357 -18.89 -17.20 12.56
N ASP A 358 -18.13 -18.26 12.85
CA ASP A 358 -16.76 -18.16 13.42
C ASP A 358 -15.69 -18.16 12.31
N ARG A 359 -16.09 -17.83 11.10
CA ARG A 359 -15.20 -17.68 9.97
C ARG A 359 -15.43 -16.30 9.37
N TYR A 360 -14.35 -15.50 9.26
CA TYR A 360 -14.48 -14.06 8.93
C TYR A 360 -13.88 -13.80 7.58
N VAL A 361 -14.69 -13.20 6.70
CA VAL A 361 -14.24 -12.61 5.44
C VAL A 361 -14.36 -11.09 5.67
N ILE A 362 -13.24 -10.37 5.42
CA ILE A 362 -13.12 -8.98 5.81
C ILE A 362 -13.03 -8.15 4.57
N LEU A 363 -13.88 -7.13 4.46
CA LEU A 363 -13.70 -6.07 3.46
C LEU A 363 -13.40 -4.77 4.16
N GLY A 364 -12.20 -4.27 3.96
CA GLY A 364 -11.76 -3.14 4.70
C GLY A 364 -11.09 -2.11 3.78
N GLY A 365 -11.31 -0.84 4.10
CA GLY A 365 -10.57 0.26 3.43
C GLY A 365 -10.70 1.47 4.32
N HIS A 366 -9.81 2.43 4.09
CA HIS A 366 -9.74 3.57 5.01
C HIS A 366 -10.69 4.73 4.58
N ARG A 367 -10.86 5.64 5.53
CA ARG A 367 -11.82 6.75 5.48
C ARG A 367 -11.10 8.09 5.63
N ASP A 368 -10.00 8.13 6.37
CA ASP A 368 -9.22 9.34 6.54
C ASP A 368 -8.59 9.74 5.23
N SER A 369 -8.44 11.06 5.01
CA SER A 369 -7.90 11.59 3.81
C SER A 369 -6.96 12.70 4.13
N TRP A 370 -6.06 13.02 3.22
CA TRP A 370 -5.18 14.15 3.41
C TRP A 370 -5.94 15.50 3.31
N VAL A 371 -6.76 15.62 2.30
CA VAL A 371 -7.73 16.69 2.21
C VAL A 371 -9.07 16.14 1.86
N PHE A 372 -9.51 16.36 0.61
CA PHE A 372 -10.88 15.97 0.22
C PHE A 372 -11.02 14.48 -0.10
N GLY A 373 -9.91 13.86 -0.47
CA GLY A 373 -9.93 12.40 -0.74
C GLY A 373 -10.81 11.94 -1.86
N GLY A 374 -10.85 12.74 -2.92
CA GLY A 374 -11.69 12.47 -4.04
C GLY A 374 -11.46 11.10 -4.67
N ILE A 375 -10.19 10.73 -4.80
CA ILE A 375 -9.83 9.39 -5.25
C ILE A 375 -9.44 8.61 -3.99
N ASP A 376 -8.46 9.14 -3.29
CA ASP A 376 -7.83 8.48 -2.14
C ASP A 376 -8.35 9.02 -0.80
N PRO A 377 -9.20 8.28 -0.07
CA PRO A 377 -9.76 6.91 -0.29
C PRO A 377 -11.17 6.88 -0.77
N GLN A 378 -11.81 8.04 -0.96
CA GLN A 378 -13.26 8.02 -0.92
C GLN A 378 -13.84 7.32 -2.14
N SER A 379 -13.06 7.21 -3.21
CA SER A 379 -13.56 6.43 -4.36
C SER A 379 -13.70 4.90 -4.02
N GLY A 380 -12.86 4.49 -3.07
CA GLY A 380 -12.91 3.13 -2.46
C GLY A 380 -13.97 3.02 -1.40
N ALA A 381 -14.06 3.99 -0.50
CA ALA A 381 -15.04 3.96 0.54
C ALA A 381 -16.47 4.02 0.04
N ALA A 382 -16.71 4.68 -1.09
CA ALA A 382 -18.10 4.81 -1.61
C ALA A 382 -18.54 3.47 -2.20
N VAL A 383 -17.56 2.80 -2.79
CA VAL A 383 -17.72 1.42 -3.28
C VAL A 383 -18.06 0.45 -2.15
N VAL A 384 -17.28 0.51 -1.07
CA VAL A 384 -17.60 -0.30 0.10
C VAL A 384 -19.03 -0.03 0.61
N HIS A 385 -19.38 1.25 0.74
CA HIS A 385 -20.73 1.70 1.22
C HIS A 385 -21.86 1.08 0.40
N GLU A 386 -21.70 1.04 -0.90
CA GLU A 386 -22.69 0.42 -1.79
C GLU A 386 -22.68 -1.08 -1.67
N ILE A 387 -21.50 -1.66 -1.44
CA ILE A 387 -21.42 -3.11 -1.20
C ILE A 387 -22.18 -3.49 0.02
N VAL A 388 -22.00 -2.75 1.09
CA VAL A 388 -22.74 -2.95 2.31
C VAL A 388 -24.23 -2.85 2.08
N ARG A 389 -24.60 -1.80 1.35
CA ARG A 389 -26.00 -1.57 1.06
C ARG A 389 -26.59 -2.80 0.37
N SER A 390 -25.89 -3.35 -0.63
CA SER A 390 -26.38 -4.45 -1.41
C SER A 390 -26.48 -5.72 -0.53
N PHE A 391 -25.47 -5.99 0.31
CA PHE A 391 -25.52 -7.16 1.19
C PHE A 391 -26.68 -6.95 2.12
N GLY A 392 -26.92 -5.74 2.62
CA GLY A 392 -28.01 -5.47 3.57
C GLY A 392 -29.40 -5.66 2.95
N THR A 393 -29.54 -5.29 1.70
CA THR A 393 -30.73 -5.50 0.91
C THR A 393 -31.11 -6.99 1.02
N LEU A 394 -30.18 -7.86 0.61
CA LEU A 394 -30.40 -9.30 0.66
C LEU A 394 -30.70 -9.77 2.06
N LYS A 395 -29.99 -9.25 3.05
CA LYS A 395 -30.22 -9.67 4.40
C LYS A 395 -31.63 -9.35 4.85
N LYS A 396 -32.08 -8.15 4.53
CA LYS A 396 -33.46 -7.74 4.88
C LYS A 396 -34.54 -8.63 4.27
N GLU A 397 -34.25 -9.23 3.15
CA GLU A 397 -35.11 -10.27 2.54
C GLU A 397 -34.90 -11.67 3.10
N GLY A 398 -34.15 -11.79 4.20
CA GLY A 398 -33.93 -13.06 4.88
C GLY A 398 -32.68 -13.84 4.51
N TRP A 399 -31.77 -13.29 3.72
CA TRP A 399 -30.59 -14.06 3.40
C TRP A 399 -29.52 -13.75 4.42
N ARG A 400 -28.60 -14.72 4.52
CA ARG A 400 -27.34 -14.55 5.25
C ARG A 400 -26.25 -15.26 4.51
N PRO A 401 -25.03 -14.64 4.55
CA PRO A 401 -23.94 -15.38 3.97
C PRO A 401 -23.66 -16.63 4.78
N ARG A 402 -22.97 -17.59 4.18
CA ARG A 402 -22.53 -18.80 4.92
C ARG A 402 -21.55 -18.46 6.07
N ARG A 403 -20.49 -17.74 5.73
CA ARG A 403 -19.55 -17.20 6.76
C ARG A 403 -19.84 -15.73 7.11
N THR A 404 -19.30 -15.33 8.23
CA THR A 404 -19.42 -13.98 8.75
C THR A 404 -18.58 -13.00 7.84
N ILE A 405 -19.19 -11.85 7.53
CA ILE A 405 -18.54 -10.79 6.79
C ILE A 405 -18.37 -9.59 7.70
N LEU A 406 -17.14 -9.11 7.74
CA LEU A 406 -16.77 -7.95 8.54
C LEU A 406 -16.41 -6.85 7.52
N PHE A 407 -16.96 -5.67 7.80
CA PHE A 407 -16.77 -4.49 6.99
C PHE A 407 -16.04 -3.49 7.86
N ALA A 408 -14.98 -2.88 7.31
CA ALA A 408 -14.27 -1.88 8.08
C ALA A 408 -14.04 -0.58 7.31
N SER A 409 -14.14 0.50 8.06
CA SER A 409 -13.80 1.85 7.63
C SER A 409 -12.66 2.26 8.54
N TRP A 410 -11.45 2.09 8.06
CA TRP A 410 -10.26 2.32 8.87
C TRP A 410 -9.88 3.82 8.94
N ASP A 411 -9.30 4.19 10.09
CA ASP A 411 -8.83 5.52 10.30
C ASP A 411 -7.33 5.53 10.22
N ALA A 412 -6.77 6.72 10.05
CA ALA A 412 -5.35 6.99 10.09
C ALA A 412 -4.50 6.11 9.18
N GLU A 413 -5.06 5.65 8.08
CA GLU A 413 -4.26 4.90 7.12
C GLU A 413 -3.15 5.80 6.61
N GLU A 414 -3.45 7.09 6.41
CA GLU A 414 -2.43 7.96 5.82
C GLU A 414 -1.23 8.20 6.70
N PHE A 415 -1.40 8.00 8.01
CA PHE A 415 -0.35 8.18 8.96
C PHE A 415 0.44 6.92 9.32
N GLY A 416 0.21 5.87 8.54
CA GLY A 416 0.97 4.62 8.70
C GLY A 416 0.19 3.35 8.87
N LEU A 417 -1.01 3.30 8.35
CA LEU A 417 -1.83 2.11 8.39
C LEU A 417 -2.20 1.88 9.89
N LEU A 418 -2.37 2.98 10.61
CA LEU A 418 -2.46 2.82 12.04
C LEU A 418 -3.75 2.22 12.55
N GLY A 419 -4.91 2.57 11.98
CA GLY A 419 -6.18 2.11 12.41
C GLY A 419 -6.38 0.60 12.15
N SER A 420 -6.03 0.15 10.97
CA SER A 420 -6.12 -1.29 10.66
C SER A 420 -5.17 -2.08 11.56
N THR A 421 -3.97 -1.58 11.74
CA THR A 421 -2.88 -2.30 12.47
C THR A 421 -3.25 -2.40 13.95
N GLU A 422 -3.69 -1.30 14.56
CA GLU A 422 -4.09 -1.37 15.93
C GLU A 422 -5.27 -2.29 16.22
N TRP A 423 -6.27 -2.30 15.34
CA TRP A 423 -7.43 -3.16 15.49
C TRP A 423 -7.01 -4.65 15.34
N ALA A 424 -6.16 -4.90 14.35
CA ALA A 424 -5.60 -6.25 14.22
C ALA A 424 -4.77 -6.70 15.40
N GLU A 425 -3.96 -5.80 16.02
CA GLU A 425 -3.22 -6.10 17.22
C GLU A 425 -4.18 -6.45 18.35
N GLU A 426 -5.29 -5.73 18.45
CA GLU A 426 -6.25 -5.99 19.45
C GLU A 426 -6.93 -7.38 19.27
N ASN A 427 -7.24 -7.70 18.05
CA ASN A 427 -8.02 -8.85 17.69
C ASN A 427 -7.23 -10.00 17.04
N SER A 428 -5.90 -10.01 17.23
CA SER A 428 -5.03 -10.91 16.47
C SER A 428 -5.37 -12.38 16.69
N ARG A 429 -5.72 -12.71 17.91
CA ARG A 429 -6.14 -14.14 18.22
C ARG A 429 -7.37 -14.59 17.43
N LEU A 430 -8.39 -13.75 17.36
CA LEU A 430 -9.57 -14.05 16.58
C LEU A 430 -9.21 -14.14 15.12
N LEU A 431 -8.40 -13.22 14.64
CA LEU A 431 -8.03 -13.19 13.26
C LEU A 431 -7.16 -14.37 12.80
N GLN A 432 -6.21 -14.78 13.61
CA GLN A 432 -5.30 -15.88 13.38
CA GLN A 432 -5.28 -15.88 13.23
C GLN A 432 -6.10 -17.18 13.16
N GLU A 433 -7.06 -17.40 14.04
CA GLU A 433 -7.77 -18.68 14.08
C GLU A 433 -9.07 -18.71 13.22
N ARG A 434 -9.63 -17.53 12.90
CA ARG A 434 -10.89 -17.42 12.18
C ARG A 434 -10.84 -16.70 10.85
N GLY A 435 -9.70 -16.08 10.48
CA GLY A 435 -9.70 -15.17 9.34
C GLY A 435 -9.52 -15.89 8.06
N VAL A 436 -10.56 -15.85 7.24
CA VAL A 436 -10.49 -16.54 5.97
C VAL A 436 -9.73 -15.73 4.95
N ALA A 437 -10.11 -14.45 4.87
CA ALA A 437 -9.61 -13.60 3.83
C ALA A 437 -9.84 -12.16 4.10
N TYR A 438 -8.96 -11.34 3.50
CA TYR A 438 -9.05 -9.85 3.63
C TYR A 438 -8.99 -9.25 2.23
N ILE A 439 -10.04 -8.46 1.89
CA ILE A 439 -10.09 -7.75 0.63
C ILE A 439 -9.99 -6.27 0.97
N ASN A 440 -8.97 -5.63 0.40
CA ASN A 440 -8.75 -4.21 0.68
C ASN A 440 -9.71 -3.39 -0.20
N ALA A 441 -9.89 -2.10 0.18
CA ALA A 441 -10.80 -1.25 -0.58
C ALA A 441 -10.42 0.21 -0.44
N ASP A 442 -9.21 0.55 -0.79
CA ASP A 442 -8.79 1.93 -0.95
C ASP A 442 -9.24 2.38 -2.37
N SER A 443 -8.56 3.37 -2.92
CA SER A 443 -9.00 3.99 -4.19
C SER A 443 -9.45 2.96 -5.23
N SER A 444 -10.66 3.17 -5.78
CA SER A 444 -11.22 2.31 -6.83
C SER A 444 -10.65 2.55 -8.20
N ILE A 445 -10.02 3.70 -8.38
CA ILE A 445 -9.44 4.08 -9.66
C ILE A 445 -8.14 4.83 -9.47
N GLU A 446 -7.18 4.61 -10.36
CA GLU A 446 -6.00 5.47 -10.51
C GLU A 446 -5.80 5.70 -12.02
N GLY A 447 -6.83 5.42 -12.80
CA GLY A 447 -6.77 5.49 -14.25
C GLY A 447 -8.05 4.90 -14.78
N ASN A 448 -8.21 4.82 -16.09
CA ASN A 448 -9.49 4.38 -16.65
C ASN A 448 -9.32 3.39 -17.84
N TYR A 449 -8.18 2.70 -17.83
CA TYR A 449 -7.76 1.83 -18.92
C TYR A 449 -8.14 0.36 -18.69
N THR A 450 -7.78 -0.20 -17.53
CA THR A 450 -8.08 -1.64 -17.33
C THR A 450 -8.02 -1.99 -15.82
N LEU A 451 -8.35 -3.22 -15.51
CA LEU A 451 -8.22 -3.73 -14.14
C LEU A 451 -6.82 -3.96 -13.70
N ARG A 452 -6.63 -3.75 -12.39
CA ARG A 452 -5.43 -4.08 -11.68
CA ARG A 452 -5.42 -4.09 -11.68
C ARG A 452 -5.83 -4.94 -10.49
N VAL A 453 -5.22 -6.13 -10.37
CA VAL A 453 -5.39 -7.01 -9.24
C VAL A 453 -4.00 -7.35 -8.70
N ASP A 454 -3.84 -7.20 -7.37
CA ASP A 454 -2.69 -7.73 -6.65
C ASP A 454 -3.28 -8.62 -5.55
N CYS A 455 -2.80 -9.85 -5.43
CA CYS A 455 -3.33 -10.72 -4.44
C CYS A 455 -2.43 -11.99 -4.28
N THR A 456 -2.68 -12.70 -3.21
CA THR A 456 -2.14 -14.01 -2.98
C THR A 456 -2.47 -14.94 -4.13
N PRO A 457 -1.53 -15.81 -4.45
CA PRO A 457 -1.86 -16.85 -5.42
C PRO A 457 -3.10 -17.62 -5.09
N LEU A 458 -3.48 -17.74 -3.80
CA LEU A 458 -4.61 -18.53 -3.46
C LEU A 458 -5.93 -17.99 -4.05
N MET A 459 -5.93 -16.73 -4.52
CA MET A 459 -7.13 -16.11 -5.11
C MET A 459 -7.08 -15.94 -6.62
N TYR A 460 -6.04 -16.43 -7.28
CA TYR A 460 -5.88 -16.28 -8.73
C TYR A 460 -7.04 -16.88 -9.49
N SER A 461 -7.40 -18.12 -9.17
CA SER A 461 -8.52 -18.81 -9.81
CA SER A 461 -8.49 -18.78 -9.86
C SER A 461 -9.86 -18.16 -9.55
N LEU A 462 -10.11 -17.78 -8.32
CA LEU A 462 -11.28 -17.02 -7.93
C LEU A 462 -11.43 -15.74 -8.81
N VAL A 463 -10.35 -15.01 -8.97
CA VAL A 463 -10.36 -13.75 -9.74
C VAL A 463 -10.59 -14.02 -11.25
N HIS A 464 -9.86 -14.99 -11.78
CA HIS A 464 -10.16 -15.46 -13.17
C HIS A 464 -11.62 -15.80 -13.37
N ASN A 465 -12.17 -16.64 -12.51
CA ASN A 465 -13.55 -17.08 -12.66
C ASN A 465 -14.59 -15.96 -12.52
N LEU A 466 -14.42 -15.08 -11.52
CA LEU A 466 -15.33 -14.02 -11.33
C LEU A 466 -15.29 -13.05 -12.52
N THR A 467 -14.12 -12.65 -12.93
CA THR A 467 -13.96 -11.68 -13.99
C THR A 467 -14.55 -12.19 -15.33
N LYS A 468 -14.62 -13.51 -15.52
CA LYS A 468 -15.20 -14.11 -16.78
C LYS A 468 -16.69 -13.96 -16.74
N GLU A 469 -17.27 -13.79 -15.57
CA GLU A 469 -18.69 -13.65 -15.43
C GLU A 469 -19.12 -12.18 -15.38
N LEU A 470 -18.17 -11.27 -15.36
CA LEU A 470 -18.52 -9.83 -15.32
C LEU A 470 -18.34 -9.19 -16.69
N LYS A 471 -19.16 -8.19 -16.90
CA LYS A 471 -19.16 -7.36 -18.16
C LYS A 471 -18.04 -6.35 -18.17
N SER A 472 -17.26 -6.29 -19.24
CA SER A 472 -16.29 -5.27 -19.38
C SER A 472 -16.99 -3.89 -19.47
N PRO A 473 -16.51 -2.89 -18.70
CA PRO A 473 -17.06 -1.56 -18.91
C PRO A 473 -16.33 -0.81 -20.01
N ASP A 474 -15.41 -1.48 -20.72
CA ASP A 474 -14.50 -0.75 -21.55
C ASP A 474 -15.13 -0.44 -22.93
N GLU A 475 -14.77 0.71 -23.48
CA GLU A 475 -15.16 1.11 -24.82
C GLU A 475 -14.54 0.10 -25.75
N GLY A 476 -15.36 -0.44 -26.63
CA GLY A 476 -14.86 -1.41 -27.60
C GLY A 476 -14.95 -2.86 -27.14
N PHE A 477 -15.49 -3.12 -25.94
CA PHE A 477 -15.64 -4.48 -25.43
C PHE A 477 -17.01 -4.57 -24.85
N GLU A 478 -17.94 -3.87 -25.49
CA GLU A 478 -19.35 -3.95 -25.14
C GLU A 478 -19.75 -5.40 -25.37
N GLY A 479 -20.48 -5.98 -24.47
CA GLY A 479 -20.84 -7.41 -24.60
C GLY A 479 -19.74 -8.46 -24.37
N LYS A 480 -18.51 -8.04 -24.16
CA LYS A 480 -17.45 -8.93 -23.74
C LYS A 480 -17.28 -8.92 -22.20
N SER A 481 -16.51 -9.90 -21.73
CA SER A 481 -16.37 -10.18 -20.29
C SER A 481 -15.25 -9.25 -19.84
N LEU A 482 -15.25 -8.89 -18.57
CA LEU A 482 -14.05 -8.18 -17.98
C LEU A 482 -12.76 -8.99 -18.15
N TYR A 483 -12.85 -10.32 -18.03
CA TYR A 483 -11.64 -11.14 -18.25
C TYR A 483 -10.97 -10.87 -19.57
N GLU A 484 -11.83 -10.77 -20.57
CA GLU A 484 -11.36 -10.64 -21.97
C GLU A 484 -10.66 -9.26 -22.18
N SER A 485 -11.30 -8.18 -21.72
CA SER A 485 -10.71 -6.85 -21.89
C SER A 485 -9.40 -6.69 -21.09
N TRP A 486 -9.46 -7.11 -19.82
CA TRP A 486 -8.32 -7.10 -18.91
C TRP A 486 -7.21 -7.95 -19.50
N THR A 487 -7.55 -9.16 -19.95
CA THR A 487 -6.50 -10.00 -20.52
C THR A 487 -5.94 -9.35 -21.77
N LYS A 488 -6.78 -8.74 -22.59
CA LYS A 488 -6.22 -8.11 -23.76
C LYS A 488 -5.30 -6.94 -23.43
N LYS A 489 -5.70 -6.07 -22.51
CA LYS A 489 -4.89 -4.88 -22.24
C LYS A 489 -3.78 -5.05 -21.24
N SER A 490 -3.86 -6.05 -20.37
CA SER A 490 -2.80 -6.28 -19.42
C SER A 490 -2.43 -7.77 -19.40
N PRO A 491 -1.80 -8.25 -20.49
CA PRO A 491 -1.44 -9.65 -20.57
C PRO A 491 -0.42 -10.04 -19.53
N SER A 492 -0.55 -11.22 -18.97
CA SER A 492 0.50 -11.62 -18.05
C SER A 492 1.80 -11.80 -18.80
N PRO A 493 2.92 -11.54 -18.15
CA PRO A 493 4.19 -11.83 -18.83
C PRO A 493 4.40 -13.35 -19.02
N GLU A 494 3.96 -14.17 -18.07
CA GLU A 494 4.19 -15.63 -18.13
C GLU A 494 3.26 -16.38 -19.13
N PHE A 495 1.95 -16.33 -18.96
CA PHE A 495 1.01 -17.20 -19.70
C PHE A 495 0.12 -16.51 -20.75
N SER A 496 0.20 -17.02 -21.97
CA SER A 496 -0.63 -16.54 -23.05
C SER A 496 -2.11 -16.80 -22.69
N GLY A 497 -2.97 -15.79 -22.92
CA GLY A 497 -4.43 -15.94 -22.78
C GLY A 497 -4.88 -15.71 -21.35
N MET A 498 -3.94 -15.26 -20.50
CA MET A 498 -4.20 -14.89 -19.06
C MET A 498 -3.82 -13.43 -18.74
N PRO A 499 -4.42 -12.85 -17.72
CA PRO A 499 -4.09 -11.47 -17.31
C PRO A 499 -3.03 -11.35 -16.26
N ARG A 500 -2.40 -10.19 -16.18
CA ARG A 500 -1.37 -9.90 -15.16
C ARG A 500 -2.06 -9.78 -13.80
N ILE A 501 -1.56 -10.54 -12.83
CA ILE A 501 -1.92 -10.37 -11.44
C ILE A 501 -0.64 -10.26 -10.64
N SER A 502 -0.51 -9.19 -9.87
CA SER A 502 0.76 -8.86 -9.27
C SER A 502 0.77 -9.39 -7.85
N LYS A 503 1.96 -9.50 -7.33
CA LYS A 503 2.04 -9.78 -5.89
C LYS A 503 1.66 -8.58 -5.08
N LEU A 504 1.25 -8.81 -3.85
CA LEU A 504 0.96 -7.76 -2.93
C LEU A 504 2.24 -7.16 -2.52
N GLY A 505 2.25 -5.81 -2.52
CA GLY A 505 3.33 -5.06 -1.92
C GLY A 505 2.90 -4.58 -0.53
N SER A 506 2.99 -3.27 -0.31
CA SER A 506 2.48 -2.68 0.89
C SER A 506 2.16 -1.17 0.64
N GLY A 507 2.06 -0.40 1.72
CA GLY A 507 1.55 0.98 1.64
C GLY A 507 0.05 1.03 1.63
N ASN A 508 -0.56 -0.05 2.06
CA ASN A 508 -1.99 -0.04 2.35
C ASN A 508 -2.42 -1.02 3.47
N ASP A 509 -3.68 -0.97 3.85
CA ASP A 509 -4.19 -1.55 5.09
C ASP A 509 -4.28 -3.10 5.12
N PHE A 510 -3.94 -3.77 4.02
CA PHE A 510 -3.80 -5.22 4.04
C PHE A 510 -2.53 -5.69 4.69
N GLU A 511 -1.55 -4.81 4.93
CA GLU A 511 -0.24 -5.22 5.38
C GLU A 511 -0.29 -6.05 6.71
N VAL A 512 -1.07 -5.58 7.67
CA VAL A 512 -1.14 -6.31 8.95
C VAL A 512 -1.73 -7.75 8.74
N PHE A 513 -2.77 -7.79 7.92
CA PHE A 513 -3.46 -9.01 7.67
C PHE A 513 -2.63 -10.01 6.89
N PHE A 514 -1.96 -9.57 5.82
CA PHE A 514 -1.20 -10.43 4.99
C PHE A 514 0.21 -10.74 5.56
N GLN A 515 1.05 -9.72 5.68
CA GLN A 515 2.42 -9.95 6.03
C GLN A 515 2.68 -10.19 7.54
N ARG A 516 1.81 -9.70 8.43
CA ARG A 516 1.95 -10.04 9.84
C ARG A 516 1.21 -11.29 10.23
N LEU A 517 -0.08 -11.31 9.94
CA LEU A 517 -0.94 -12.41 10.40
C LEU A 517 -1.11 -13.58 9.44
N GLY A 518 -0.82 -13.42 8.15
CA GLY A 518 -0.91 -14.50 7.18
C GLY A 518 -2.32 -14.89 6.79
N ILE A 519 -3.16 -13.87 6.62
CA ILE A 519 -4.51 -14.05 6.15
C ILE A 519 -4.49 -13.78 4.62
N ALA A 520 -5.08 -14.70 3.85
CA ALA A 520 -5.10 -14.57 2.41
C ALA A 520 -5.68 -13.20 2.04
N SER A 521 -4.96 -12.42 1.25
CA SER A 521 -5.44 -11.03 0.98
C SER A 521 -5.37 -10.69 -0.50
N GLY A 522 -6.20 -9.70 -0.88
CA GLY A 522 -6.22 -9.23 -2.25
C GLY A 522 -6.73 -7.75 -2.34
N ARG A 523 -6.54 -7.17 -3.50
CA ARG A 523 -7.03 -5.82 -3.80
C ARG A 523 -7.21 -5.71 -5.35
N ALA A 524 -8.10 -4.80 -5.73
CA ALA A 524 -8.41 -4.61 -7.15
C ALA A 524 -8.90 -3.18 -7.39
N ARG A 525 -8.47 -2.62 -8.54
CA ARG A 525 -8.95 -1.28 -8.92
C ARG A 525 -8.77 -1.12 -10.39
N TYR A 526 -9.35 -0.04 -10.91
CA TYR A 526 -9.05 0.35 -12.32
C TYR A 526 -7.78 1.14 -12.32
N THR A 527 -6.99 0.97 -13.39
CA THR A 527 -5.70 1.59 -13.42
C THR A 527 -5.42 2.13 -14.86
N LYS A 528 -4.26 2.71 -15.02
CA LYS A 528 -3.85 3.31 -16.30
C LYS A 528 -3.05 2.28 -17.12
N ASN A 529 -2.61 2.66 -18.30
CA ASN A 529 -1.91 1.72 -19.16
C ASN A 529 -0.50 1.20 -18.71
N GLY A 537 2.28 7.93 -10.00
CA GLY A 537 1.02 7.20 -9.78
C GLY A 537 -0.10 7.79 -10.62
N TYR A 538 -1.00 8.57 -9.98
CA TYR A 538 -1.86 9.53 -10.72
C TYR A 538 -1.36 10.94 -10.28
N PRO A 539 -1.43 11.90 -11.18
CA PRO A 539 -0.74 13.16 -10.87
C PRO A 539 -1.15 13.90 -9.60
N LEU A 540 -2.43 13.92 -9.32
CA LEU A 540 -3.03 14.73 -8.22
C LEU A 540 -3.04 13.97 -6.89
N TYR A 541 -2.32 12.85 -6.86
CA TYR A 541 -2.22 12.05 -5.61
C TYR A 541 -1.85 12.84 -4.37
N HIS A 542 -2.69 12.80 -3.36
CA HIS A 542 -2.44 13.45 -2.05
C HIS A 542 -2.31 15.02 -2.08
N SER A 543 -2.92 15.60 -3.11
CA SER A 543 -2.93 17.03 -3.33
C SER A 543 -4.35 17.52 -3.00
N VAL A 544 -4.48 18.84 -2.76
CA VAL A 544 -5.82 19.46 -2.54
C VAL A 544 -6.70 19.27 -3.74
N TYR A 545 -6.10 19.00 -4.91
CA TYR A 545 -6.86 18.98 -6.20
C TYR A 545 -7.58 17.67 -6.41
N GLU A 546 -7.32 16.68 -5.53
CA GLU A 546 -8.07 15.40 -5.61
C GLU A 546 -9.48 15.55 -5.02
N THR A 547 -10.47 15.77 -5.90
CA THR A 547 -11.79 16.17 -5.54
C THR A 547 -12.78 15.31 -6.20
N TYR A 548 -14.01 15.37 -5.73
CA TYR A 548 -15.15 14.84 -6.46
C TYR A 548 -15.13 15.21 -7.94
N GLU A 549 -14.86 16.49 -8.25
CA GLU A 549 -14.97 16.90 -9.66
C GLU A 549 -13.88 16.26 -10.49
N LEU A 550 -12.72 16.07 -9.92
CA LEU A 550 -11.65 15.37 -10.66
C LEU A 550 -12.15 14.04 -11.16
N VAL A 551 -12.87 13.31 -10.31
CA VAL A 551 -13.37 12.00 -10.65
C VAL A 551 -14.55 12.05 -11.66
N GLU A 552 -15.56 12.86 -11.35
CA GLU A 552 -16.75 13.02 -12.18
C GLU A 552 -16.46 13.60 -13.59
N LYS A 553 -15.48 14.51 -13.67
CA LYS A 553 -15.16 15.17 -14.94
C LYS A 553 -14.16 14.37 -15.76
N PHE A 554 -13.10 13.83 -15.13
CA PHE A 554 -11.99 13.34 -15.89
C PHE A 554 -11.72 11.84 -15.79
N TYR A 555 -12.09 11.20 -14.69
CA TYR A 555 -11.81 9.74 -14.58
C TYR A 555 -12.99 8.89 -14.93
N ASP A 556 -14.15 9.15 -14.36
CA ASP A 556 -15.25 8.17 -14.42
C ASP A 556 -16.61 8.78 -14.42
N PRO A 557 -16.94 9.58 -15.51
CA PRO A 557 -18.20 10.31 -15.42
C PRO A 557 -19.43 9.47 -15.28
N MET A 558 -19.44 8.27 -15.86
CA MET A 558 -20.60 7.38 -15.77
CA MET A 558 -20.62 7.40 -15.74
C MET A 558 -20.55 6.47 -14.50
N PHE A 559 -19.46 6.54 -13.75
CA PHE A 559 -19.26 5.66 -12.57
C PHE A 559 -19.29 4.19 -12.89
N LYS A 560 -18.95 3.88 -14.13
CA LYS A 560 -18.91 2.52 -14.62
C LYS A 560 -17.64 1.81 -14.20
N TYR A 561 -16.52 2.51 -14.07
CA TYR A 561 -15.33 1.83 -13.63
C TYR A 561 -15.47 1.52 -12.14
N HIS A 562 -15.92 2.50 -11.35
CA HIS A 562 -16.36 2.27 -9.97
C HIS A 562 -17.31 1.07 -9.77
N LEU A 563 -18.37 1.01 -10.57
CA LEU A 563 -19.29 -0.12 -10.55
C LEU A 563 -18.54 -1.44 -10.84
N THR A 564 -17.72 -1.47 -11.87
CA THR A 564 -16.96 -2.68 -12.16
C THR A 564 -16.09 -3.10 -10.94
N VAL A 565 -15.44 -2.13 -10.32
CA VAL A 565 -14.60 -2.36 -9.12
C VAL A 565 -15.43 -2.84 -7.97
N ALA A 566 -16.64 -2.34 -7.79
CA ALA A 566 -17.49 -2.79 -6.75
C ALA A 566 -17.98 -4.25 -6.96
N GLN A 567 -18.21 -4.59 -8.21
CA GLN A 567 -18.52 -5.97 -8.59
C GLN A 567 -17.32 -6.93 -8.35
N VAL A 568 -16.12 -6.51 -8.66
CA VAL A 568 -14.94 -7.37 -8.45
C VAL A 568 -14.74 -7.53 -6.95
N ARG A 569 -14.69 -6.43 -6.23
CA ARG A 569 -14.46 -6.50 -4.79
C ARG A 569 -15.57 -7.24 -4.11
N GLY A 570 -16.78 -6.80 -4.41
CA GLY A 570 -17.95 -7.39 -3.82
C GLY A 570 -18.14 -8.90 -4.12
N GLY A 571 -17.96 -9.23 -5.38
CA GLY A 571 -17.96 -10.55 -5.91
C GLY A 571 -16.99 -11.45 -5.18
N MET A 572 -15.75 -10.95 -4.98
CA MET A 572 -14.72 -11.70 -4.22
C MET A 572 -15.19 -12.02 -2.85
N VAL A 573 -15.71 -11.01 -2.13
CA VAL A 573 -16.18 -11.20 -0.82
C VAL A 573 -17.35 -12.15 -0.80
N PHE A 574 -18.26 -12.05 -1.78
CA PHE A 574 -19.44 -12.87 -1.79
C PHE A 574 -19.03 -14.38 -1.85
N GLU A 575 -18.24 -14.71 -2.83
CA GLU A 575 -17.66 -16.04 -3.04
C GLU A 575 -16.90 -16.57 -1.80
N LEU A 576 -16.07 -15.71 -1.20
CA LEU A 576 -15.22 -16.11 -0.08
C LEU A 576 -16.13 -16.40 1.06
N ALA A 577 -17.20 -15.58 1.19
CA ALA A 577 -18.07 -15.73 2.26
C ALA A 577 -19.17 -16.81 2.06
N ASN A 578 -19.41 -17.25 0.82
CA ASN A 578 -20.55 -18.14 0.56
CA ASN A 578 -20.54 -18.15 0.48
C ASN A 578 -20.27 -19.49 -0.15
N SER A 579 -19.14 -19.64 -0.82
CA SER A 579 -18.78 -20.92 -1.42
C SER A 579 -18.65 -21.95 -0.31
N ILE A 580 -19.19 -23.11 -0.58
CA ILE A 580 -19.16 -24.19 0.38
C ILE A 580 -17.71 -24.59 0.69
N VAL A 581 -16.97 -24.84 -0.37
CA VAL A 581 -15.53 -25.06 -0.31
C VAL A 581 -14.92 -23.66 -0.54
N LEU A 582 -14.03 -23.25 0.35
CA LEU A 582 -13.29 -21.99 0.12
C LEU A 582 -12.72 -21.95 -1.25
N PRO A 583 -12.84 -20.77 -1.92
CA PRO A 583 -12.40 -20.64 -3.30
C PRO A 583 -10.89 -20.30 -3.47
N PHE A 584 -10.04 -21.13 -2.86
CA PHE A 584 -8.58 -21.04 -2.99
C PHE A 584 -8.09 -22.26 -3.70
N ASP A 585 -7.15 -22.05 -4.59
CA ASP A 585 -6.47 -23.11 -5.28
C ASP A 585 -4.99 -23.21 -4.89
N CYS A 586 -4.67 -24.14 -3.97
CA CYS A 586 -3.25 -24.33 -3.51
C CYS A 586 -2.31 -24.58 -4.61
N ARG A 587 -2.76 -25.14 -5.73
CA ARG A 587 -1.83 -25.37 -6.87
C ARG A 587 -1.23 -24.11 -7.47
N ASP A 588 -2.01 -23.02 -7.44
CA ASP A 588 -1.49 -21.77 -7.95
C ASP A 588 -0.28 -21.26 -7.09
N TYR A 589 -0.28 -21.55 -5.81
CA TYR A 589 0.87 -21.25 -4.99
C TYR A 589 2.06 -22.02 -5.44
N ALA A 590 1.84 -23.28 -5.80
CA ALA A 590 2.94 -24.17 -6.21
C ALA A 590 3.64 -23.67 -7.41
N VAL A 591 2.87 -23.17 -8.38
CA VAL A 591 3.42 -22.58 -9.55
C VAL A 591 4.28 -21.31 -9.25
N VAL A 592 3.77 -20.41 -8.42
CA VAL A 592 4.56 -19.22 -8.21
C VAL A 592 5.76 -19.49 -7.37
N LEU A 593 5.66 -20.45 -6.45
CA LEU A 593 6.79 -20.78 -5.60
C LEU A 593 7.97 -21.22 -6.47
N ARG A 594 7.71 -21.96 -7.54
CA ARG A 594 8.81 -22.38 -8.42
C ARG A 594 9.41 -21.23 -9.15
N LYS A 595 8.54 -20.36 -9.63
CA LYS A 595 8.99 -19.10 -10.26
C LYS A 595 9.86 -18.30 -9.30
N TYR A 596 9.42 -18.12 -8.04
CA TYR A 596 10.29 -17.35 -7.16
C TYR A 596 11.58 -18.05 -6.82
N ALA A 597 11.52 -19.37 -6.70
CA ALA A 597 12.77 -20.06 -6.44
C ALA A 597 13.79 -19.94 -7.60
N ASP A 598 13.30 -20.15 -8.83
CA ASP A 598 14.13 -19.86 -10.02
C ASP A 598 14.71 -18.44 -9.95
N LYS A 599 13.86 -17.48 -9.59
CA LYS A 599 14.36 -16.11 -9.54
C LYS A 599 15.45 -15.89 -8.53
N ILE A 600 15.24 -16.36 -7.31
CA ILE A 600 16.25 -16.12 -6.29
C ILE A 600 17.55 -16.93 -6.55
N TYR A 601 17.39 -18.16 -7.00
CA TYR A 601 18.56 -18.91 -7.50
C TYR A 601 19.37 -18.11 -8.54
N SER A 602 18.67 -17.51 -9.48
CA SER A 602 19.39 -16.75 -10.54
C SER A 602 20.13 -15.58 -9.99
N ILE A 603 19.59 -14.91 -8.95
CA ILE A 603 20.32 -13.81 -8.36
C ILE A 603 21.60 -14.34 -7.73
N SER A 604 21.49 -15.47 -7.02
CA SER A 604 22.66 -16.00 -6.34
C SER A 604 23.78 -16.35 -7.30
N MET A 605 23.35 -16.97 -8.40
CA MET A 605 24.24 -17.46 -9.50
C MET A 605 25.02 -16.41 -10.25
N LYS A 606 24.79 -15.14 -9.96
CA LYS A 606 25.68 -14.09 -10.36
C LYS A 606 27.00 -14.17 -9.64
N HIS A 607 27.10 -15.00 -8.58
CA HIS A 607 28.28 -15.15 -7.71
C HIS A 607 28.73 -16.64 -7.62
N PRO A 608 28.99 -17.24 -8.78
CA PRO A 608 29.28 -18.70 -8.89
C PRO A 608 30.47 -19.10 -8.07
N GLN A 609 31.49 -18.25 -8.01
CA GLN A 609 32.68 -18.57 -7.26
C GLN A 609 32.40 -18.61 -5.76
N GLU A 610 31.60 -17.66 -5.25
CA GLU A 610 31.27 -17.70 -3.81
C GLU A 610 30.34 -18.86 -3.51
N MET A 611 29.48 -19.19 -4.43
CA MET A 611 28.60 -20.29 -4.16
C MET A 611 29.42 -21.59 -4.03
N LYS A 612 30.47 -21.72 -4.85
CA LYS A 612 31.40 -22.87 -4.70
C LYS A 612 32.13 -22.85 -3.39
N THR A 613 32.70 -21.69 -3.06
CA THR A 613 33.60 -21.59 -1.89
C THR A 613 32.85 -21.84 -0.64
N TYR A 614 31.59 -21.34 -0.56
CA TYR A 614 30.85 -21.45 0.67
C TYR A 614 29.85 -22.54 0.68
N SER A 615 29.80 -23.36 -0.39
CA SER A 615 28.86 -24.47 -0.49
C SER A 615 27.41 -24.03 -0.35
N VAL A 616 27.08 -23.03 -1.16
CA VAL A 616 25.72 -22.46 -1.19
C VAL A 616 24.82 -23.27 -2.11
N SER A 617 23.91 -24.06 -1.56
CA SER A 617 23.00 -24.82 -2.36
C SER A 617 21.54 -24.42 -2.20
N PHE A 618 20.84 -24.37 -3.31
CA PHE A 618 19.40 -24.14 -3.31
C PHE A 618 18.62 -25.43 -3.39
N ASP A 619 19.32 -26.59 -3.31
CA ASP A 619 18.57 -27.89 -3.43
C ASP A 619 17.44 -28.09 -2.47
N SER A 620 17.67 -27.74 -1.22
CA SER A 620 16.61 -27.87 -0.26
C SER A 620 15.35 -27.05 -0.65
N LEU A 621 15.54 -25.85 -1.13
CA LEU A 621 14.41 -25.02 -1.46
C LEU A 621 13.63 -25.60 -2.67
N PHE A 622 14.36 -26.00 -3.71
CA PHE A 622 13.71 -26.68 -4.84
C PHE A 622 13.03 -27.97 -4.46
N SER A 623 13.65 -28.74 -3.55
CA SER A 623 13.00 -29.94 -3.05
C SER A 623 11.72 -29.66 -2.33
N ALA A 624 11.74 -28.63 -1.47
CA ALA A 624 10.53 -28.26 -0.79
C ALA A 624 9.43 -27.83 -1.76
N VAL A 625 9.82 -27.04 -2.77
CA VAL A 625 8.83 -26.54 -3.79
C VAL A 625 8.23 -27.71 -4.60
N LYS A 626 9.06 -28.68 -4.93
CA LYS A 626 8.59 -29.96 -5.52
C LYS A 626 7.63 -30.71 -4.70
N ASN A 627 7.94 -30.80 -3.39
CA ASN A 627 7.05 -31.47 -2.54
C ASN A 627 5.74 -30.73 -2.43
N PHE A 628 5.83 -29.39 -2.31
CA PHE A 628 4.58 -28.62 -2.15
C PHE A 628 3.69 -28.90 -3.40
N THR A 629 4.33 -28.95 -4.57
CA THR A 629 3.60 -29.15 -5.86
C THR A 629 2.89 -30.51 -5.84
N GLU A 630 3.60 -31.57 -5.40
CA GLU A 630 3.01 -32.92 -5.35
C GLU A 630 1.92 -32.99 -4.34
N ILE A 631 2.18 -32.45 -3.13
CA ILE A 631 1.17 -32.54 -2.10
C ILE A 631 -0.06 -31.74 -2.43
N ALA A 632 0.14 -30.55 -2.99
CA ALA A 632 -0.96 -29.67 -3.37
C ALA A 632 -1.82 -30.41 -4.41
N SER A 633 -1.15 -31.04 -5.36
CA SER A 633 -1.92 -31.79 -6.37
C SER A 633 -2.80 -32.90 -5.78
N LYS A 634 -2.27 -33.66 -4.83
CA LYS A 634 -3.05 -34.67 -4.16
C LYS A 634 -4.11 -34.08 -3.30
N PHE A 635 -3.85 -32.96 -2.60
CA PHE A 635 -4.91 -32.32 -1.84
C PHE A 635 -6.09 -31.91 -2.74
N SER A 636 -5.80 -31.35 -3.90
CA SER A 636 -6.86 -30.91 -4.86
C SER A 636 -7.76 -32.07 -5.30
N GLU A 637 -7.14 -33.21 -5.62
CA GLU A 637 -7.88 -34.47 -5.93
C GLU A 637 -8.80 -34.81 -4.79
N ARG A 638 -8.28 -34.78 -3.54
CA ARG A 638 -9.16 -35.08 -2.46
C ARG A 638 -10.26 -34.08 -2.31
N LEU A 639 -9.94 -32.82 -2.53
CA LEU A 639 -10.96 -31.78 -2.36
C LEU A 639 -12.05 -31.95 -3.42
N GLN A 640 -11.64 -32.42 -4.57
CA GLN A 640 -12.64 -32.71 -5.57
C GLN A 640 -13.46 -33.96 -5.27
N ASP A 641 -12.80 -35.02 -4.79
CA ASP A 641 -13.40 -36.33 -4.63
C ASP A 641 -13.88 -36.63 -3.27
N PHE A 642 -13.79 -35.72 -2.32
CA PHE A 642 -14.16 -36.10 -0.97
C PHE A 642 -15.59 -36.13 -0.90
N ASP A 643 -16.03 -36.74 0.19
CA ASP A 643 -17.44 -37.08 0.38
C ASP A 643 -18.15 -35.80 0.74
N LYS A 644 -18.96 -35.31 -0.18
CA LYS A 644 -19.54 -33.92 -0.11
C LYS A 644 -20.53 -33.75 1.01
N SER A 645 -21.21 -34.87 1.39
CA SER A 645 -22.19 -34.82 2.48
C SER A 645 -21.60 -34.49 3.97
N ASN A 646 -20.36 -34.90 4.18
CA ASN A 646 -19.76 -34.83 5.52
C ASN A 646 -19.22 -33.43 5.92
N PRO A 647 -19.87 -32.74 6.85
CA PRO A 647 -19.47 -31.41 7.16
C PRO A 647 -18.14 -31.27 7.92
N ILE A 648 -17.64 -32.35 8.57
CA ILE A 648 -16.41 -32.24 9.34
C ILE A 648 -15.32 -32.43 8.39
N VAL A 649 -15.51 -33.36 7.48
CA VAL A 649 -14.55 -33.50 6.43
C VAL A 649 -14.47 -32.14 5.71
N LEU A 650 -15.62 -31.48 5.58
CA LEU A 650 -15.67 -30.22 4.78
C LEU A 650 -14.89 -29.11 5.58
N ARG A 651 -15.24 -28.96 6.82
CA ARG A 651 -14.60 -28.05 7.73
C ARG A 651 -13.09 -28.33 7.85
N MET A 652 -12.68 -29.60 7.88
CA MET A 652 -11.25 -29.98 7.91
CA MET A 652 -11.29 -29.92 8.01
C MET A 652 -10.57 -29.48 6.73
N MET A 653 -11.17 -29.76 5.55
CA MET A 653 -10.52 -29.36 4.34
C MET A 653 -10.55 -27.79 4.12
N ASN A 654 -11.61 -27.13 4.52
CA ASN A 654 -11.67 -25.64 4.45
C ASN A 654 -10.62 -25.06 5.46
N ASP A 655 -10.48 -25.67 6.63
CA ASP A 655 -9.47 -25.24 7.57
C ASP A 655 -8.11 -25.40 6.95
N GLN A 656 -7.84 -26.49 6.24
CA GLN A 656 -6.60 -26.65 5.63
C GLN A 656 -6.38 -25.53 4.55
N LEU A 657 -7.42 -25.20 3.81
CA LEU A 657 -7.29 -24.09 2.85
C LEU A 657 -7.06 -22.72 3.54
N MET A 658 -7.79 -22.46 4.61
CA MET A 658 -7.72 -21.20 5.37
C MET A 658 -6.31 -21.05 5.99
N PHE A 659 -5.81 -22.14 6.57
CA PHE A 659 -4.50 -22.14 7.24
C PHE A 659 -3.31 -22.26 6.35
N LEU A 660 -3.49 -22.43 5.04
CA LEU A 660 -2.38 -22.49 4.14
C LEU A 660 -1.59 -21.20 4.07
N GLU A 661 -2.29 -20.08 3.89
CA GLU A 661 -1.61 -18.78 3.91
C GLU A 661 -0.94 -18.62 5.26
N ARG A 662 -1.59 -19.10 6.27
CA ARG A 662 -1.09 -18.94 7.68
C ARG A 662 0.23 -19.66 7.86
N ALA A 663 0.42 -20.76 7.13
CA ALA A 663 1.61 -21.58 7.24
C ALA A 663 2.88 -20.92 6.77
N PHE A 664 2.80 -19.88 5.92
CA PHE A 664 3.95 -19.14 5.55
C PHE A 664 4.49 -18.14 6.56
N ILE A 665 3.82 -17.99 7.67
CA ILE A 665 4.25 -17.08 8.74
C ILE A 665 5.33 -17.77 9.57
N ASP A 666 6.42 -17.04 9.79
CA ASP A 666 7.44 -17.40 10.80
C ASP A 666 7.24 -16.53 11.99
N PRO A 667 7.03 -17.13 13.15
CA PRO A 667 6.77 -16.31 14.29
C PRO A 667 8.03 -15.47 14.70
N LEU A 668 9.20 -15.86 14.24
CA LEU A 668 10.38 -15.07 14.50
C LEU A 668 10.53 -13.83 13.62
N GLY A 669 9.65 -13.67 12.65
CA GLY A 669 9.77 -12.59 11.67
C GLY A 669 11.03 -12.62 10.81
N LEU A 670 11.16 -11.65 9.91
CA LEU A 670 12.34 -11.39 9.16
C LEU A 670 13.37 -10.58 9.92
N PRO A 671 14.67 -10.70 9.54
CA PRO A 671 15.70 -10.01 10.33
C PRO A 671 15.48 -8.52 10.51
N ASP A 672 15.43 -8.10 11.75
CA ASP A 672 15.21 -6.72 12.14
C ASP A 672 13.86 -6.18 11.75
N ARG A 673 13.00 -7.04 11.25
CA ARG A 673 11.62 -6.63 10.91
C ARG A 673 10.62 -7.64 11.45
N PRO A 674 10.44 -7.63 12.77
CA PRO A 674 9.60 -8.62 13.46
C PRO A 674 8.18 -8.66 13.04
N PHE A 675 7.63 -7.58 12.46
CA PHE A 675 6.23 -7.56 11.99
C PHE A 675 6.04 -8.01 10.55
N TYR A 676 7.14 -8.27 9.87
CA TYR A 676 7.03 -8.90 8.55
C TYR A 676 7.36 -10.37 8.73
N ARG A 677 6.33 -11.19 8.84
CA ARG A 677 6.52 -12.59 9.27
C ARG A 677 6.30 -13.58 8.12
N HIS A 678 5.78 -13.13 6.98
CA HIS A 678 5.46 -14.03 5.88
C HIS A 678 6.79 -14.30 5.22
N VAL A 679 7.11 -15.57 4.96
CA VAL A 679 8.44 -15.92 4.42
C VAL A 679 8.49 -15.80 2.92
N ILE A 680 7.35 -15.87 2.29
CA ILE A 680 7.32 -15.77 0.80
C ILE A 680 7.30 -14.30 0.32
N TYR A 681 6.50 -13.44 1.00
CA TYR A 681 6.25 -12.02 0.59
C TYR A 681 6.57 -11.07 1.72
N ALA A 682 7.42 -10.07 1.46
CA ALA A 682 7.52 -8.89 2.36
C ALA A 682 7.58 -7.66 1.44
N PRO A 683 7.24 -6.50 1.99
CA PRO A 683 7.52 -5.29 1.27
C PRO A 683 9.00 -5.15 1.04
N SER A 684 9.41 -4.66 -0.14
CA SER A 684 10.81 -4.45 -0.40
C SER A 684 11.49 -3.55 0.63
N SER A 685 12.64 -3.98 1.16
CA SER A 685 13.45 -3.17 2.08
C SER A 685 13.86 -1.82 1.42
N HIS A 686 13.73 -1.75 0.10
CA HIS A 686 14.10 -0.54 -0.66
C HIS A 686 12.88 0.28 -1.13
N ASN A 687 11.69 -0.30 -1.05
CA ASN A 687 10.50 0.34 -1.60
C ASN A 687 9.30 -0.34 -1.01
N LYS A 688 8.77 0.26 0.04
CA LYS A 688 7.63 -0.29 0.75
C LYS A 688 6.45 -0.63 -0.12
N TYR A 689 6.26 0.09 -1.24
CA TYR A 689 5.09 -0.23 -2.11
C TYR A 689 5.18 -1.56 -2.86
N ALA A 690 6.40 -1.96 -3.16
CA ALA A 690 6.66 -3.14 -4.00
C ALA A 690 6.76 -4.42 -3.14
N GLY A 691 6.23 -5.51 -3.65
CA GLY A 691 6.46 -6.77 -2.98
C GLY A 691 7.77 -7.37 -3.36
N GLU A 692 8.41 -8.06 -2.43
CA GLU A 692 9.61 -8.89 -2.73
C GLU A 692 9.32 -10.33 -2.39
N SER A 693 9.70 -11.29 -3.27
CA SER A 693 9.54 -12.69 -3.00
C SER A 693 10.81 -13.30 -2.37
N PHE A 694 10.63 -14.32 -1.51
CA PHE A 694 11.76 -14.83 -0.67
C PHE A 694 12.58 -13.68 -0.15
N PRO A 695 11.88 -12.74 0.57
CA PRO A 695 12.65 -11.59 1.02
C PRO A 695 13.83 -11.82 1.92
N GLY A 696 13.80 -12.88 2.73
CA GLY A 696 14.91 -13.13 3.64
C GLY A 696 16.20 -13.40 2.82
N ILE A 697 16.06 -14.26 1.78
CA ILE A 697 17.21 -14.63 0.89
C ILE A 697 17.57 -13.39 0.03
N TYR A 698 16.58 -12.68 -0.49
CA TYR A 698 16.85 -11.54 -1.33
C TYR A 698 17.75 -10.52 -0.62
N ASP A 699 17.37 -10.13 0.61
CA ASP A 699 18.11 -9.12 1.34
C ASP A 699 19.46 -9.65 1.81
N ALA A 700 19.58 -10.97 2.07
CA ALA A 700 20.88 -11.51 2.42
C ALA A 700 21.84 -11.39 1.20
N LEU A 701 21.30 -11.57 0.02
CA LEU A 701 22.07 -11.44 -1.25
C LEU A 701 22.32 -10.01 -1.75
N PHE A 702 21.46 -9.10 -1.36
CA PHE A 702 21.55 -7.75 -1.88
C PHE A 702 22.87 -7.13 -1.56
N ASP A 703 23.52 -6.65 -2.63
CA ASP A 703 24.80 -5.94 -2.53
C ASP A 703 25.89 -6.74 -1.81
N ILE A 704 25.80 -8.07 -1.89
CA ILE A 704 26.64 -8.92 -1.05
C ILE A 704 28.13 -8.72 -1.37
N GLU A 705 28.41 -8.39 -2.64
CA GLU A 705 29.79 -8.16 -3.09
C GLU A 705 30.45 -7.03 -2.33
N SER A 706 29.68 -6.18 -1.63
CA SER A 706 30.24 -5.12 -0.81
C SER A 706 30.50 -5.45 0.60
N LYS A 707 30.07 -6.61 1.08
CA LYS A 707 30.23 -6.91 2.51
C LYS A 707 31.70 -7.22 2.78
N VAL A 708 32.21 -6.81 3.94
CA VAL A 708 33.65 -6.96 4.20
C VAL A 708 33.94 -8.38 4.68
N ASP A 709 33.01 -9.04 5.35
CA ASP A 709 33.18 -10.44 5.75
C ASP A 709 32.32 -11.38 4.89
N PRO A 710 32.81 -11.79 3.72
CA PRO A 710 31.98 -12.59 2.83
C PRO A 710 31.56 -13.97 3.39
N SER A 711 32.41 -14.55 4.22
CA SER A 711 32.05 -15.78 4.86
C SER A 711 30.77 -15.65 5.69
N LYS A 712 30.70 -14.59 6.48
CA LYS A 712 29.57 -14.30 7.30
C LYS A 712 28.33 -14.00 6.42
N ALA A 713 28.50 -13.18 5.39
CA ALA A 713 27.37 -12.81 4.49
C ALA A 713 26.80 -14.02 3.79
N TRP A 714 27.66 -14.91 3.29
CA TRP A 714 27.20 -16.12 2.59
C TRP A 714 26.60 -17.15 3.53
N GLY A 715 27.08 -17.15 4.75
CA GLY A 715 26.51 -17.95 5.84
C GLY A 715 25.04 -17.56 6.01
N GLU A 716 24.79 -16.26 5.92
CA GLU A 716 23.46 -15.75 6.26
C GLU A 716 22.57 -16.05 5.08
N VAL A 717 23.11 -16.01 3.86
CA VAL A 717 22.34 -16.49 2.70
C VAL A 717 21.90 -17.95 2.88
N LYS A 718 22.83 -18.81 3.27
CA LYS A 718 22.48 -20.21 3.49
C LYS A 718 21.45 -20.35 4.62
N ARG A 719 21.61 -19.53 5.66
CA ARG A 719 20.63 -19.58 6.71
C ARG A 719 19.22 -19.27 6.18
N GLN A 720 19.10 -18.24 5.34
CA GLN A 720 17.80 -17.84 4.82
C GLN A 720 17.28 -18.89 3.86
N ILE A 721 18.17 -19.55 3.10
CA ILE A 721 17.69 -20.70 2.28
C ILE A 721 17.02 -21.79 3.12
N TYR A 722 17.68 -22.18 4.21
CA TYR A 722 17.19 -23.16 5.19
C TYR A 722 15.81 -22.74 5.70
N VAL A 723 15.73 -21.48 6.15
CA VAL A 723 14.43 -20.97 6.64
C VAL A 723 13.33 -21.07 5.61
N ALA A 724 13.63 -20.64 4.39
CA ALA A 724 12.61 -20.71 3.36
C ALA A 724 12.22 -22.11 2.95
N ALA A 725 13.22 -23.01 2.76
CA ALA A 725 12.90 -24.43 2.40
C ALA A 725 12.06 -25.06 3.46
N PHE A 726 12.50 -24.86 4.72
CA PHE A 726 11.75 -25.38 5.81
C PHE A 726 10.31 -24.89 5.78
N THR A 727 10.14 -23.60 5.62
CA THR A 727 8.73 -23.04 5.73
C THR A 727 7.88 -23.54 4.57
N VAL A 728 8.48 -23.66 3.37
CA VAL A 728 7.73 -24.20 2.23
C VAL A 728 7.28 -25.62 2.48
N GLN A 729 8.22 -26.44 2.99
CA GLN A 729 7.89 -27.83 3.36
C GLN A 729 6.83 -27.91 4.44
N ALA A 730 6.93 -27.05 5.48
CA ALA A 730 5.99 -27.05 6.53
C ALA A 730 4.60 -26.65 6.05
N ALA A 731 4.55 -25.67 5.17
CA ALA A 731 3.24 -25.24 4.54
C ALA A 731 2.65 -26.43 3.73
N ALA A 732 3.46 -27.06 2.93
CA ALA A 732 3.01 -28.23 2.18
C ALA A 732 2.43 -29.27 3.06
N GLU A 733 3.12 -29.58 4.19
CA GLU A 733 2.66 -30.61 5.11
C GLU A 733 1.34 -30.32 5.74
N THR A 734 0.89 -29.05 5.81
CA THR A 734 -0.45 -28.77 6.31
C THR A 734 -1.56 -29.27 5.36
N LEU A 735 -1.19 -29.51 4.12
CA LEU A 735 -2.09 -30.08 3.15
C LEU A 735 -2.05 -31.61 3.00
N SER A 736 -1.12 -32.29 3.69
CA SER A 736 -1.09 -33.75 3.78
C SER A 736 -2.33 -34.21 4.50
N GLU A 737 -2.72 -35.47 4.32
CA GLU A 737 -3.75 -36.02 5.17
C GLU A 737 -3.36 -35.79 6.62
N VAL A 738 -4.32 -35.51 7.41
CA VAL A 738 -4.04 -35.02 8.74
C VAL A 738 -3.67 -36.10 9.81
N ALA A 739 -3.92 -37.34 9.50
CA ALA A 739 -3.66 -38.45 10.43
C ALA A 739 -3.78 -39.71 9.62
C1 NAG B . -24.08 13.00 3.69
C2 NAG B . -24.52 14.42 3.94
C3 NAG B . -25.15 14.50 5.34
C4 NAG B . -26.28 13.51 5.53
C5 NAG B . -25.83 12.15 5.08
C6 NAG B . -27.01 11.20 5.18
C7 NAG B . -23.24 16.07 2.69
C8 NAG B . -22.03 16.93 2.67
N2 NAG B . -23.39 15.30 3.78
O3 NAG B . -25.62 15.80 5.56
O4 NAG B . -26.51 13.29 6.89
O5 NAG B . -25.23 12.19 3.78
O6 NAG B . -27.78 11.09 4.02
O7 NAG B . -23.97 16.06 1.71
C1 NAG B . -27.84 13.62 7.33
C2 NAG B . -28.09 12.99 8.67
C3 NAG B . -29.51 13.30 9.14
C4 NAG B . -29.85 14.79 9.11
C5 NAG B . -29.12 15.54 7.99
C6 NAG B . -28.83 16.94 8.50
C7 NAG B . -26.82 10.94 9.19
C8 NAG B . -26.87 9.43 9.24
N2 NAG B . -27.94 11.55 8.75
O3 NAG B . -29.51 12.93 10.49
O4 NAG B . -31.26 15.03 9.00
O5 NAG B . -27.87 14.99 7.58
O6 NAG B . -29.09 17.66 7.36
O7 NAG B . -25.81 11.55 9.55
C1 NAG C . 10.53 34.94 3.58
C2 NAG C . 10.55 36.41 3.11
C3 NAG C . 11.34 37.16 4.14
C4 NAG C . 10.75 36.93 5.52
C5 NAG C . 10.51 35.42 5.85
C6 NAG C . 9.75 35.22 7.16
C7 NAG C . 10.72 36.84 0.72
C8 NAG C . 11.54 36.92 -0.51
N2 NAG C . 11.30 36.55 1.87
O3 NAG C . 11.21 38.54 3.87
O4 NAG C . 11.68 37.49 6.43
O5 NAG C . 9.80 34.83 4.79
O6 NAG C . 8.44 35.74 7.03
O7 NAG C . 9.52 37.00 0.64
C1 NAG C . 11.03 38.24 7.47
C2 NAG C . 12.09 38.28 8.55
C3 NAG C . 11.69 39.22 9.69
C4 NAG C . 11.38 40.62 9.20
C5 NAG C . 10.43 40.57 8.01
C6 NAG C . 10.61 41.89 7.27
C7 NAG C . 13.44 36.24 8.77
C8 NAG C . 13.58 34.93 9.52
N2 NAG C . 12.38 36.98 9.11
O3 NAG C . 12.80 39.43 10.51
O4 NAG C . 10.93 41.42 10.31
O5 NAG C . 10.64 39.54 7.03
O6 NAG C . 9.32 42.12 6.80
O7 NAG C . 14.25 36.52 7.89
C1 NAG D . -12.79 -21.83 -11.59
C2 NAG D . -12.84 -22.63 -10.27
C3 NAG D . -12.39 -24.08 -10.56
C4 NAG D . -13.23 -24.67 -11.69
C5 NAG D . -13.14 -23.77 -12.93
C6 NAG D . -13.95 -24.32 -14.15
C7 NAG D . -12.44 -21.69 -8.12
C8 NAG D . -11.55 -21.13 -7.03
N2 NAG D . -11.96 -22.05 -9.24
O3 NAG D . -12.65 -24.83 -9.41
O4 NAG D . -12.62 -25.89 -11.98
O5 NAG D . -13.63 -22.48 -12.56
O6 NAG D . -15.32 -24.38 -13.76
O7 NAG D . -13.60 -21.87 -7.94
C1 NAG D . -13.64 -26.89 -12.10
C2 NAG D . -12.96 -28.05 -12.74
C3 NAG D . -13.88 -29.26 -12.77
C4 NAG D . -14.31 -29.55 -11.37
C5 NAG D . -15.10 -28.30 -10.94
C6 NAG D . -15.77 -28.54 -9.61
C7 NAG D . -11.23 -27.45 -14.30
C8 NAG D . -10.76 -27.15 -15.69
N2 NAG D . -12.50 -27.73 -14.08
O3 NAG D . -13.12 -30.36 -13.17
O4 NAG D . -15.03 -30.77 -11.36
O5 NAG D . -14.16 -27.22 -10.84
O6 NAG D . -14.71 -29.07 -8.81
O7 NAG D . -10.41 -27.45 -13.37
C1 NAG E . 10.71 -33.56 0.14
C2 NAG E . 11.51 -33.28 1.38
C3 NAG E . 12.59 -34.37 1.44
C4 NAG E . 11.94 -35.76 1.47
C5 NAG E . 10.98 -35.98 0.28
C6 NAG E . 10.24 -37.31 0.55
C7 NAG E . 12.31 -31.13 2.22
C8 NAG E . 13.05 -29.88 1.84
N2 NAG E . 12.20 -32.02 1.22
O3 NAG E . 13.28 -34.15 2.60
O4 NAG E . 12.87 -36.84 1.47
O5 NAG E . 10.11 -34.83 0.30
O6 NAG E . 9.29 -37.74 -0.42
O7 NAG E . 11.83 -31.34 3.35
C1 NAG E . 13.44 -37.12 2.74
C2 NAG E . 13.39 -38.57 3.15
C3 NAG E . 14.32 -38.82 4.34
C4 NAG E . 15.69 -38.26 4.01
C5 NAG E . 15.54 -36.79 3.72
C6 NAG E . 16.93 -36.22 3.52
C7 NAG E . 11.37 -39.84 2.81
C8 NAG E . 10.02 -40.30 3.29
N2 NAG E . 12.08 -39.02 3.57
O3 NAG E . 14.39 -40.21 4.65
O4 NAG E . 16.59 -38.28 5.11
O5 NAG E . 14.77 -36.70 2.55
O6 NAG E . 16.86 -34.92 3.01
O7 NAG E . 11.81 -40.21 1.69
C1 BMA E . 17.33 -39.51 5.22
C2 BMA E . 18.73 -39.18 5.73
C3 BMA E . 19.52 -40.45 5.94
C4 BMA E . 18.71 -41.41 6.79
C5 BMA E . 17.29 -41.63 6.25
C6 BMA E . 16.35 -42.40 7.14
O2 BMA E . 18.62 -38.52 7.01
O3 BMA E . 20.69 -40.05 6.66
O4 BMA E . 19.44 -42.60 6.90
O5 BMA E . 16.64 -40.37 6.11
O6 BMA E . 15.10 -42.60 6.44
C1 MAN E . 21.87 -40.75 6.19
C2 MAN E . 23.00 -40.51 7.19
C3 MAN E . 23.38 -39.05 7.12
C4 MAN E . 23.64 -38.55 5.70
C5 MAN E . 22.43 -38.89 4.83
C6 MAN E . 22.48 -38.45 3.37
O2 MAN E . 24.05 -41.33 6.77
O3 MAN E . 24.52 -38.73 7.83
O4 MAN E . 23.87 -37.13 5.81
O5 MAN E . 22.27 -40.30 4.93
O6 MAN E . 23.79 -38.44 2.83
C1 NAG F . 3.16 26.71 17.43
C2 NAG F . 3.39 26.09 18.79
C3 NAG F . 3.25 27.15 19.87
C4 NAG F . 3.92 28.50 19.54
C5 NAG F . 3.47 28.95 18.12
C6 NAG F . 3.86 30.41 17.66
C7 NAG F . 2.70 23.80 19.23
C8 NAG F . 1.61 22.80 19.40
N2 NAG F . 2.37 25.07 18.96
O3 NAG F . 3.84 26.63 21.00
O4 NAG F . 3.69 29.47 20.57
O5 NAG F . 3.89 27.89 17.23
O6 NAG F . 5.13 30.78 17.09
O7 NAG F . 3.86 23.42 19.33
C1 NAG G . 31.71 12.38 4.22
C2 NAG G . 32.84 11.51 4.70
C3 NAG G . 32.73 11.51 6.21
C4 NAG G . 32.99 12.93 6.76
C5 NAG G . 32.03 13.96 6.16
C6 NAG G . 32.71 15.34 6.18
C7 NAG G . 33.41 9.81 3.01
C8 NAG G . 33.22 8.40 2.52
N2 NAG G . 32.76 10.18 4.14
O3 NAG G . 33.76 10.67 6.60
O4 NAG G . 32.91 13.06 8.16
O5 NAG G . 31.77 13.69 4.79
O6 NAG G . 32.50 16.15 7.32
O7 NAG G . 34.14 10.57 2.38
C1 NAG H . -10.14 8.33 -19.85
C2 NAG H . -8.72 8.88 -19.56
C3 NAG H . -8.10 9.67 -20.76
C4 NAG H . -8.01 8.76 -22.01
C5 NAG H . -9.43 8.26 -22.21
C6 NAG H . -9.44 7.35 -23.45
C7 NAG H . -7.77 9.49 -17.36
C8 NAG H . -7.78 10.33 -16.13
N2 NAG H . -8.70 9.62 -18.31
O3 NAG H . -6.74 10.02 -20.63
O4 NAG H . -7.36 9.35 -23.20
O5 NAG H . -9.97 7.60 -21.05
O6 NAG H . -8.22 6.64 -23.53
O7 NAG H . -6.84 8.71 -17.42
C1 J21 I . -0.15 5.92 2.25
C2 J21 I . 0.39 5.35 3.59
C3 J21 I . 1.27 4.11 3.33
C4 J21 I . 2.04 3.66 4.58
C5 J21 I . -1.12 5.27 0.12
C6 J21 I . -1.60 4.43 -2.12
O1 J21 I . 1.72 5.80 0.65
O2 J21 I . 2.47 2.49 4.66
O9 J21 I . 4.57 7.92 -5.87
C21 J21 I . 3.78 7.14 -6.39
C22 J21 I . 2.42 7.66 -6.73
N3 J21 I . 4.11 5.85 -6.70
C20 J21 I . 5.45 5.28 -6.46
C19 J21 I . 5.72 3.82 -6.90
O8 J21 I . 4.61 2.88 -6.75
C18 J21 I . 4.76 1.50 -6.94
C17 J21 I . 5.99 0.96 -7.33
C16 J21 I . 6.13 -0.43 -7.51
BR J21 I . 7.80 -1.06 -8.12
C15 J21 I . 5.09 -1.34 -7.31
C14 J21 I . 3.89 -0.80 -6.94
C13 J21 I . 3.70 0.59 -6.76
C12 J21 I . 2.36 1.06 -6.32
O7 J21 I . 1.44 0.22 -6.29
N2 J21 I . 2.22 2.36 -5.98
C11 J21 I . 0.98 2.96 -5.50
C10 J21 I . 1.08 4.42 -4.98
C9 J21 I . -0.26 4.70 -4.29
C8 J21 I . -0.23 4.47 -2.79
C7 J21 I . -2.40 3.29 -2.61
O6 J21 I . -2.07 2.07 -2.23
O5 J21 I . -3.36 3.43 -3.31
N1 J21 I . -1.36 4.29 -0.74
O4 J21 I . -1.17 6.49 -0.19
N J21 I . -0.79 4.93 1.37
C J21 I . 1.06 6.46 1.52
O J21 I . 1.45 7.68 1.86
O3 J21 I . 2.25 4.49 5.59
ZN ZN J . -5.46 5.64 0.66
ZN ZN K . -3.11 7.88 0.47
CL CL L . -6.85 -0.97 -2.73
CA CA M . 0.10 -0.80 18.63
#